data_7SK4
#
_entry.id   7SK4
#
_cell.length_a   1.00
_cell.length_b   1.00
_cell.length_c   1.00
_cell.angle_alpha   90.00
_cell.angle_beta   90.00
_cell.angle_gamma   90.00
#
_symmetry.space_group_name_H-M   'P 1'
#
loop_
_entity.id
_entity.type
_entity.pdbx_description
1 polymer 'Atypical chemokine receptor 3'
2 polymer 'Stromal cell-derived factor 1'
3 polymer 'CID25 Fab light chain'
4 polymer 'CID25 Fab heavy chain'
5 polymer 'CID24 Fab light chain'
6 polymer 'CID24 Fab heavy chain'
7 non-polymer CHOLESTEROL
#
loop_
_entity_poly.entity_id
_entity_poly.type
_entity_poly.pdbx_seq_one_letter_code
_entity_poly.pdbx_strand_id
1 'polypeptide(L)'
;GAPDLHLFDYSEPGNFSDISWPCNSSDCIVVDTVMCPNMPNKSVLLYTLSFIYIFIFVIGMIANSVVVWVNIQAKTTGYD
THCYILNLAIADLWVVLTIPVWVVSLVQHNQWPMGELTCKVTHLIFSINLFGSIFFLTCMSVDRYLSITYFTNTPSSRKK
MVRRVVCILVWLLAFCVSLPDTYYLKTVTSASNNETYCRSFYPEHSIKEWLIGMELVSVVLGFAVPFSIIAVFYFLLARA
ISASSDQEKHSSRKIIFSYVVVFLVCWLPYHVAVLLDIFSILHYIPFTCRLEHALFTALHVTQCLSLVHCCVNPVLYSFI
NRNYRYELMKAFIFKYSAKTGLTKLIDASRVSETEYSALEQSTKGRPLEVLFQGPHHHHHHHHHHDYKDDDDK
;
A
2 'polypeptide(L)' LRHQSLSYRCPCRFFESHVARANVKHLKILNTPNCALQIVARLKNNNRQVCIDPKLKWIQEYLEKALNK B
3 'polypeptide(L)'
;SDIQMTQSPSSLSASVGDRVTITCRASQSVSSAVAWYQQKPGKAPKLLIYSASSLYSGVPSRFSGSRSGTDFTLTISSLQ
PEDFATYYCQQYYYPLFTFGQGTKVEIKRTVAAPSVFIFPPSDSQLKSGTASVVCLLNNFYPREAKVQWKVDNALQSGNS
QESVTEQDSKDSTYSLSSTLTLSKADYEKHKVYACEVTHQGLSSPVTKSFNRGEC
;
C
4 'polypeptide(L)'
;EISEVQLVESGGGLVQPGGSLRLSCAASGFNFSYSSIHWVRQAPGKGLEWVAYIYSSYGYTSYADSVKGRFTISADTSKN
TAYLQMNSLRAEDTAVYYCARVYPWWYYKYYHGALDYWGQGTLVTVSSASTKGPSVFPLAPSSKSTSGGTAALGCLVKDY
FPEPVTVSWNSGALTSGVHTFPAVLQSSGLYSLSSVVTVPSSSLGTQTYICNVNHKPSNTKVDKKVEPKSCDKTHT
;
D
5 'polypeptide(L)'
;SDIQMTQSPSSLSASVGDRVTITCRASQSVSSAVAWYQQKPGKAPKLLIYSASSLYSGVPSRFSGSRSGTDFTLTISSLQ
PEDFATYYCQQSYYYPITFGQGTKVEIKRTVAAPSVFIFPPSDSQLKSGTASVVCLLNNFYPREAKVQWKVDNALQSGNS
QESVTEQDSKDSTYSLSSTLTLSKADYEKHKVYACEVTHQGLSSPVTKSFNRGEC
;
E
6 'polypeptide(L)'
;EISEVQLVESGGGLVQPGGSLRLSCAASGFNISSSSIHWVRQAPGKGLEWVASISPSYGYTSYADSVKGRFTISADTSKN
TAYLQMNSLRAEDTAVYYCARVSYWDWTWGWSKYEGMDYWGQGTLVTVSSASTKGPSVFPLAPSSKSTSGGTAALGCLVK
DYFPEPVTVSWNSGALTSGVHTFPAVLQSSGLYSLSSVVTVPSSSLGTQTYICNVNHKPSNTKVDKKVEPKSCDKTHT
;
F
#
# COMPACT_ATOMS: atom_id res chain seq x y z
N ILE A 29 -17.84 41.85 -4.15
CA ILE A 29 -16.86 40.85 -3.77
C ILE A 29 -16.85 40.68 -2.26
N VAL A 30 -17.91 40.04 -1.74
CA VAL A 30 -18.00 39.84 -0.30
C VAL A 30 -16.83 39.00 0.19
N VAL A 31 -16.61 39.06 1.50
CA VAL A 31 -15.57 38.27 2.17
C VAL A 31 -16.20 37.58 3.36
N ASP A 32 -15.56 36.52 3.82
CA ASP A 32 -16.04 35.76 4.96
C ASP A 32 -14.85 35.16 5.70
N THR A 33 -15.03 34.95 7.00
CA THR A 33 -14.00 34.38 7.85
C THR A 33 -14.57 33.24 8.65
N VAL A 34 -13.82 32.15 8.75
CA VAL A 34 -14.23 30.97 9.50
C VAL A 34 -13.03 30.44 10.26
N MET A 35 -13.27 30.04 11.51
CA MET A 35 -12.26 29.36 12.31
C MET A 35 -12.67 27.91 12.52
N CYS A 36 -11.67 27.05 12.67
CA CYS A 36 -11.91 25.64 12.91
C CYS A 36 -11.44 25.31 14.32
N PRO A 37 -12.33 25.20 15.30
CA PRO A 37 -11.90 24.91 16.67
C PRO A 37 -11.12 23.60 16.74
N ASN A 38 -10.09 23.60 17.59
CA ASN A 38 -9.31 22.39 17.80
C ASN A 38 -10.22 21.27 18.28
N MET A 39 -9.99 20.07 17.76
CA MET A 39 -10.90 18.97 18.00
C MET A 39 -10.74 18.44 19.43
N PRO A 40 -11.83 18.29 20.19
CA PRO A 40 -11.68 17.90 21.60
C PRO A 40 -11.20 16.47 21.79
N ASN A 41 -11.86 15.53 21.14
CA ASN A 41 -11.73 14.11 21.48
C ASN A 41 -10.81 13.36 20.53
N LYS A 42 -9.98 14.07 19.75
CA LYS A 42 -9.03 13.39 18.89
C LYS A 42 -8.23 12.36 19.67
N SER A 43 -7.81 12.72 20.89
CA SER A 43 -7.00 11.81 21.68
C SER A 43 -7.76 10.52 21.97
N VAL A 44 -9.04 10.64 22.34
CA VAL A 44 -9.81 9.44 22.65
C VAL A 44 -9.95 8.55 21.43
N LEU A 45 -10.27 9.16 20.28
CA LEU A 45 -10.41 8.38 19.05
C LEU A 45 -9.12 7.66 18.71
N LEU A 46 -7.99 8.37 18.73
CA LEU A 46 -6.72 7.76 18.36
C LEU A 46 -6.30 6.70 19.37
N TYR A 47 -6.58 6.92 20.65
CA TYR A 47 -6.24 5.91 21.64
C TYR A 47 -7.05 4.64 21.45
N THR A 48 -8.35 4.77 21.17
CA THR A 48 -9.18 3.59 20.90
C THR A 48 -8.69 2.86 19.66
N LEU A 49 -8.33 3.61 18.61
CA LEU A 49 -7.86 2.98 17.37
C LEU A 49 -6.54 2.26 17.59
N SER A 50 -5.67 2.81 18.42
CA SER A 50 -4.45 2.11 18.77
C SER A 50 -4.76 0.81 19.49
N PHE A 51 -5.77 0.82 20.36
CA PHE A 51 -6.18 -0.41 21.03
C PHE A 51 -6.61 -1.47 20.02
N ILE A 52 -7.31 -1.08 18.97
CA ILE A 52 -7.69 -2.04 17.94
C ILE A 52 -6.48 -2.48 17.14
N TYR A 53 -5.58 -1.55 16.82
CA TYR A 53 -4.45 -1.87 15.95
C TYR A 53 -3.51 -2.87 16.59
N ILE A 54 -3.32 -2.82 17.91
CA ILE A 54 -2.43 -3.76 18.57
C ILE A 54 -2.94 -5.19 18.39
N PHE A 55 -4.24 -5.39 18.57
CA PHE A 55 -4.79 -6.73 18.35
C PHE A 55 -4.66 -7.15 16.90
N ILE A 56 -4.92 -6.23 15.96
CA ILE A 56 -4.76 -6.55 14.54
C ILE A 56 -3.36 -7.05 14.27
N PHE A 57 -2.35 -6.33 14.77
CA PHE A 57 -0.97 -6.71 14.52
C PHE A 57 -0.66 -8.08 15.11
N VAL A 58 -1.05 -8.30 16.36
CA VAL A 58 -0.72 -9.57 17.02
C VAL A 58 -1.34 -10.73 16.26
N ILE A 59 -2.64 -10.63 15.95
CA ILE A 59 -3.34 -11.74 15.31
C ILE A 59 -2.84 -11.93 13.89
N GLY A 60 -2.56 -10.83 13.18
CA GLY A 60 -2.01 -10.96 11.84
C GLY A 60 -0.69 -11.68 11.81
N MET A 61 0.23 -11.31 12.72
CA MET A 61 1.49 -12.05 12.84
C MET A 61 1.23 -13.53 13.01
N ILE A 62 0.42 -13.88 14.01
CA ILE A 62 0.20 -15.29 14.33
C ILE A 62 -0.37 -16.03 13.13
N ALA A 63 -1.43 -15.50 12.53
CA ALA A 63 -2.11 -16.21 11.45
C ALA A 63 -1.21 -16.39 10.24
N ASN A 64 -0.62 -15.30 9.75
CA ASN A 64 0.20 -15.38 8.56
C ASN A 64 1.44 -16.23 8.77
N SER A 65 2.05 -16.13 9.95
CA SER A 65 3.24 -16.94 10.24
C SER A 65 2.92 -18.43 10.18
N VAL A 66 1.84 -18.85 10.82
CA VAL A 66 1.51 -20.28 10.85
C VAL A 66 1.18 -20.79 9.46
N VAL A 67 0.49 -19.98 8.65
CA VAL A 67 0.15 -20.41 7.29
C VAL A 67 1.41 -20.64 6.47
N VAL A 68 2.36 -19.71 6.53
CA VAL A 68 3.59 -19.88 5.77
C VAL A 68 4.34 -21.11 6.25
N TRP A 69 4.41 -21.31 7.56
CA TRP A 69 5.14 -22.46 8.08
C TRP A 69 4.53 -23.76 7.59
N VAL A 70 3.20 -23.87 7.65
CA VAL A 70 2.54 -25.09 7.22
C VAL A 70 2.66 -25.26 5.71
N ASN A 71 2.58 -24.16 4.96
CA ASN A 71 2.73 -24.26 3.50
C ASN A 71 4.09 -24.82 3.14
N ILE A 72 5.14 -24.38 3.81
CA ILE A 72 6.48 -24.89 3.54
C ILE A 72 6.60 -26.33 4.02
N GLN A 73 6.05 -26.63 5.19
CA GLN A 73 6.22 -27.95 5.78
C GLN A 73 5.39 -29.02 5.07
N ALA A 74 4.33 -28.62 4.38
CA ALA A 74 3.44 -29.61 3.78
C ALA A 74 4.06 -30.27 2.55
N LYS A 75 4.91 -29.55 1.83
CA LYS A 75 5.50 -30.11 0.62
C LYS A 75 6.22 -31.43 0.91
N THR A 76 6.81 -31.56 2.09
CA THR A 76 7.46 -32.82 2.45
C THR A 76 6.44 -33.96 2.51
N THR A 77 5.26 -33.69 3.07
CA THR A 77 4.25 -34.73 3.20
C THR A 77 3.73 -35.21 1.85
N GLY A 78 3.89 -34.42 0.79
CA GLY A 78 3.45 -34.79 -0.54
C GLY A 78 2.35 -33.92 -1.11
N TYR A 79 1.82 -32.97 -0.36
CA TYR A 79 0.77 -32.11 -0.88
C TYR A 79 1.31 -31.27 -2.03
N ASP A 80 0.41 -30.88 -2.93
CA ASP A 80 0.74 -29.95 -4.00
C ASP A 80 0.37 -28.53 -3.57
N THR A 81 1.11 -28.04 -2.58
CA THR A 81 0.84 -26.72 -2.03
C THR A 81 0.89 -25.68 -3.14
N HIS A 82 -0.04 -24.73 -3.08
CA HIS A 82 -0.20 -23.75 -4.14
C HIS A 82 0.65 -22.53 -3.83
N CYS A 83 1.36 -22.04 -4.85
CA CYS A 83 2.30 -20.94 -4.63
C CYS A 83 1.57 -19.67 -4.22
N TYR A 84 0.42 -19.39 -4.83
CA TYR A 84 -0.28 -18.14 -4.55
C TYR A 84 -0.56 -17.99 -3.06
N ILE A 85 -0.92 -19.08 -2.38
CA ILE A 85 -1.19 -19.01 -0.95
C ILE A 85 0.06 -18.58 -0.21
N LEU A 86 1.20 -19.17 -0.54
CA LEU A 86 2.43 -18.81 0.15
C LEU A 86 2.78 -17.34 -0.07
N ASN A 87 2.66 -16.87 -1.32
CA ASN A 87 2.99 -15.48 -1.61
C ASN A 87 2.02 -14.53 -0.91
N LEU A 88 0.74 -14.88 -0.89
CA LEU A 88 -0.25 -14.04 -0.19
C LEU A 88 0.06 -13.95 1.30
N ALA A 89 0.43 -15.08 1.92
CA ALA A 89 0.75 -15.06 3.34
C ALA A 89 1.95 -14.15 3.61
N ILE A 90 2.98 -14.21 2.75
CA ILE A 90 4.15 -13.37 2.94
C ILE A 90 3.77 -11.89 2.82
N ALA A 91 2.96 -11.55 1.81
CA ALA A 91 2.57 -10.15 1.63
C ALA A 91 1.79 -9.63 2.83
N ASP A 92 0.85 -10.43 3.34
CA ASP A 92 0.10 -10.02 4.52
C ASP A 92 1.02 -9.87 5.72
N LEU A 93 1.99 -10.77 5.87
CA LEU A 93 2.93 -10.67 6.98
C LEU A 93 3.68 -9.35 6.97
N TRP A 94 4.17 -8.93 5.81
CA TRP A 94 4.92 -7.68 5.73
C TRP A 94 4.03 -6.48 6.05
N VAL A 95 2.83 -6.43 5.46
CA VAL A 95 1.94 -5.29 5.70
C VAL A 95 1.64 -5.17 7.18
N VAL A 96 1.27 -6.29 7.81
CA VAL A 96 0.92 -6.28 9.23
C VAL A 96 2.14 -5.98 10.08
N LEU A 97 3.33 -6.41 9.64
CA LEU A 97 4.53 -6.15 10.42
C LEU A 97 4.87 -4.67 10.48
N THR A 98 4.48 -3.90 9.47
CA THR A 98 4.74 -2.46 9.45
C THR A 98 3.77 -1.66 10.31
N ILE A 99 2.88 -2.31 11.07
CA ILE A 99 1.90 -1.60 11.88
C ILE A 99 2.56 -0.78 12.98
N PRO A 100 3.51 -1.34 13.74
CA PRO A 100 3.99 -0.61 14.92
C PRO A 100 4.48 0.79 14.60
N VAL A 101 5.10 0.99 13.44
CA VAL A 101 5.51 2.34 13.04
C VAL A 101 4.29 3.24 12.93
N TRP A 102 3.22 2.75 12.32
CA TRP A 102 1.99 3.54 12.22
C TRP A 102 1.44 3.88 13.60
N VAL A 103 1.45 2.91 14.51
CA VAL A 103 0.92 3.15 15.85
C VAL A 103 1.71 4.25 16.55
N VAL A 104 3.04 4.22 16.45
CA VAL A 104 3.84 5.25 17.10
C VAL A 104 3.51 6.62 16.53
N SER A 105 3.42 6.71 15.20
CA SER A 105 3.08 7.99 14.59
C SER A 105 1.66 8.41 14.90
N LEU A 106 0.78 7.45 15.20
CA LEU A 106 -0.62 7.78 15.49
C LEU A 106 -0.80 8.27 16.91
N VAL A 107 -0.10 7.67 17.87
CA VAL A 107 -0.23 8.08 19.26
C VAL A 107 0.16 9.54 19.42
N GLN A 108 1.09 10.02 18.60
CA GLN A 108 1.58 11.39 18.67
C GLN A 108 0.85 12.32 17.72
N HIS A 109 -0.43 12.07 17.47
CA HIS A 109 -1.28 12.96 16.68
C HIS A 109 -0.70 13.17 15.27
N ASN A 110 -0.17 12.09 14.69
CA ASN A 110 0.29 12.11 13.30
C ASN A 110 1.43 13.10 13.10
N GLN A 111 2.50 12.89 13.89
CA GLN A 111 3.74 13.64 13.74
C GLN A 111 4.87 12.63 13.57
N TRP A 112 5.88 13.03 12.79
CA TRP A 112 6.93 12.11 12.36
C TRP A 112 8.24 12.38 13.08
N PRO A 113 8.43 11.82 14.28
CA PRO A 113 9.73 11.99 14.96
C PRO A 113 10.89 11.41 14.18
N MET A 114 10.69 10.32 13.43
CA MET A 114 11.78 9.63 12.77
C MET A 114 12.23 10.40 11.53
N GLY A 115 13.25 9.87 10.86
CA GLY A 115 13.88 10.55 9.75
C GLY A 115 13.14 10.33 8.43
N GLU A 116 13.67 11.00 7.39
CA GLU A 116 13.06 10.91 6.07
C GLU A 116 13.16 9.50 5.50
N LEU A 117 14.32 8.86 5.64
CA LEU A 117 14.51 7.55 5.05
C LEU A 117 13.56 6.52 5.66
N THR A 118 13.31 6.62 6.96
CA THR A 118 12.36 5.70 7.60
C THR A 118 10.98 5.85 6.98
N CYS A 119 10.52 7.08 6.78
CA CYS A 119 9.20 7.29 6.21
C CYS A 119 9.11 6.71 4.80
N LYS A 120 10.11 7.01 3.97
CA LYS A 120 10.11 6.48 2.60
C LYS A 120 10.09 4.96 2.61
N VAL A 121 10.99 4.35 3.38
CA VAL A 121 11.13 2.90 3.37
C VAL A 121 9.86 2.24 3.86
N THR A 122 9.30 2.74 4.97
CA THR A 122 8.09 2.14 5.52
C THR A 122 6.93 2.24 4.54
N HIS A 123 6.75 3.40 3.90
CA HIS A 123 5.66 3.55 2.95
C HIS A 123 5.82 2.59 1.78
N LEU A 124 7.04 2.47 1.25
CA LEU A 124 7.25 1.58 0.12
C LEU A 124 6.94 0.14 0.48
N ILE A 125 7.42 -0.32 1.64
CA ILE A 125 7.13 -1.69 2.06
C ILE A 125 5.64 -1.88 2.18
N PHE A 126 4.97 -0.96 2.86
CA PHE A 126 3.53 -1.05 3.05
C PHE A 126 2.81 -1.14 1.70
N SER A 127 3.09 -0.19 0.80
CA SER A 127 2.37 -0.13 -0.46
C SER A 127 2.59 -1.38 -1.31
N ILE A 128 3.85 -1.79 -1.47
CA ILE A 128 4.15 -2.93 -2.34
C ILE A 128 3.50 -4.20 -1.82
N ASN A 129 3.62 -4.45 -0.52
CA ASN A 129 3.07 -5.68 0.04
C ASN A 129 1.55 -5.68 -0.02
N LEU A 130 0.93 -4.54 0.27
CA LEU A 130 -0.53 -4.47 0.24
C LEU A 130 -1.06 -4.71 -1.17
N PHE A 131 -0.45 -4.05 -2.16
CA PHE A 131 -0.88 -4.24 -3.54
C PHE A 131 -0.70 -5.68 -3.99
N GLY A 132 0.43 -6.29 -3.60
CA GLY A 132 0.64 -7.69 -3.93
C GLY A 132 -0.44 -8.60 -3.36
N SER A 133 -0.85 -8.34 -2.12
CA SER A 133 -1.90 -9.16 -1.52
C SER A 133 -3.20 -9.08 -2.32
N ILE A 134 -3.59 -7.87 -2.72
CA ILE A 134 -4.82 -7.71 -3.48
C ILE A 134 -4.72 -8.45 -4.81
N PHE A 135 -3.59 -8.31 -5.50
CA PHE A 135 -3.42 -8.95 -6.81
C PHE A 135 -3.45 -10.47 -6.67
N PHE A 136 -2.92 -11.02 -5.58
CA PHE A 136 -2.96 -12.45 -5.40
C PHE A 136 -4.39 -12.94 -5.14
N LEU A 137 -5.19 -12.16 -4.43
CA LEU A 137 -6.61 -12.48 -4.32
C LEU A 137 -7.22 -12.68 -5.71
N THR A 138 -7.01 -11.71 -6.60
CA THR A 138 -7.56 -11.82 -7.94
C THR A 138 -7.00 -13.04 -8.66
N CYS A 139 -5.70 -13.31 -8.50
CA CYS A 139 -5.06 -14.39 -9.23
C CYS A 139 -5.65 -15.75 -8.84
N MET A 140 -5.83 -16.01 -7.54
CA MET A 140 -6.45 -17.27 -7.14
C MET A 140 -7.90 -17.35 -7.59
N SER A 141 -8.62 -16.22 -7.58
CA SER A 141 -10.00 -16.25 -8.06
C SER A 141 -10.06 -16.76 -9.49
N VAL A 142 -9.17 -16.29 -10.36
CA VAL A 142 -9.16 -16.77 -11.74
C VAL A 142 -8.66 -18.20 -11.82
N ASP A 143 -7.64 -18.53 -11.01
CA ASP A 143 -7.01 -19.84 -11.14
C ASP A 143 -7.94 -20.97 -10.75
N ARG A 144 -8.85 -20.74 -9.80
CA ARG A 144 -9.80 -21.78 -9.43
C ARG A 144 -10.67 -22.19 -10.60
N TYR A 145 -11.23 -21.21 -11.31
CA TYR A 145 -12.08 -21.53 -12.47
C TYR A 145 -11.26 -22.18 -13.58
N LEU A 146 -10.06 -21.68 -13.83
CA LEU A 146 -9.20 -22.30 -14.84
C LEU A 146 -8.85 -23.73 -14.46
N SER A 147 -8.67 -24.00 -13.18
CA SER A 147 -8.31 -25.35 -12.75
C SER A 147 -9.47 -26.33 -12.93
N ILE A 148 -10.70 -25.90 -12.66
CA ILE A 148 -11.83 -26.80 -12.84
C ILE A 148 -12.09 -27.07 -14.32
N THR A 149 -11.95 -26.05 -15.16
CA THR A 149 -12.30 -26.21 -16.58
C THR A 149 -11.09 -26.56 -17.45
N TYR A 150 -10.10 -25.68 -17.50
CA TYR A 150 -9.08 -25.77 -18.56
C TYR A 150 -7.89 -26.60 -18.14
N PHE A 151 -7.27 -26.29 -17.00
CA PHE A 151 -6.07 -26.99 -16.57
C PHE A 151 -6.35 -28.38 -16.01
N THR A 152 -7.55 -28.91 -16.21
CA THR A 152 -7.88 -30.21 -15.64
C THR A 152 -7.05 -31.34 -16.22
N ASN A 153 -6.42 -31.12 -17.37
CA ASN A 153 -5.58 -32.13 -18.03
C ASN A 153 -4.27 -31.52 -18.48
N THR A 154 -3.60 -30.80 -17.59
CA THR A 154 -2.29 -30.24 -17.86
C THR A 154 -1.26 -30.88 -16.94
N PRO A 155 -0.09 -31.27 -17.46
CA PRO A 155 0.91 -31.89 -16.60
C PRO A 155 1.32 -30.96 -15.47
N SER A 156 1.59 -31.55 -14.30
CA SER A 156 1.89 -30.74 -13.12
C SER A 156 3.01 -29.76 -13.41
N SER A 157 4.01 -30.17 -14.20
CA SER A 157 5.16 -29.32 -14.46
C SER A 157 4.72 -28.03 -15.16
N ARG A 158 3.89 -28.16 -16.19
CA ARG A 158 3.50 -26.98 -16.96
C ARG A 158 2.71 -26.00 -16.11
N LYS A 159 1.75 -26.49 -15.33
CA LYS A 159 0.97 -25.60 -14.48
C LYS A 159 1.84 -24.94 -13.42
N LYS A 160 2.78 -25.68 -12.85
CA LYS A 160 3.68 -25.09 -11.87
C LYS A 160 4.53 -23.99 -12.49
N MET A 161 5.03 -24.21 -13.71
CA MET A 161 5.81 -23.18 -14.37
C MET A 161 4.97 -21.93 -14.62
N VAL A 162 3.73 -22.11 -15.07
CA VAL A 162 2.86 -20.96 -15.29
C VAL A 162 2.63 -20.21 -13.99
N ARG A 163 2.44 -20.95 -12.90
CA ARG A 163 2.22 -20.29 -11.61
C ARG A 163 3.43 -19.46 -11.19
N ARG A 164 4.64 -20.01 -11.35
CA ARG A 164 5.83 -19.26 -11.00
C ARG A 164 5.96 -18.00 -11.84
N VAL A 165 5.70 -18.10 -13.14
CA VAL A 165 5.79 -16.93 -14.01
C VAL A 165 4.80 -15.86 -13.55
N VAL A 166 3.57 -16.26 -13.26
CA VAL A 166 2.55 -15.30 -12.83
C VAL A 166 2.94 -14.65 -11.51
N CYS A 167 3.48 -15.45 -10.58
CA CYS A 167 3.88 -14.90 -9.29
C CYS A 167 4.97 -13.84 -9.46
N ILE A 168 5.97 -14.11 -10.28
CA ILE A 168 7.04 -13.14 -10.49
C ILE A 168 6.49 -11.87 -11.12
N LEU A 169 5.63 -12.02 -12.12
CA LEU A 169 5.06 -10.85 -12.80
C LEU A 169 4.22 -10.02 -11.84
N VAL A 170 3.47 -10.66 -10.96
CA VAL A 170 2.64 -9.93 -10.00
C VAL A 170 3.52 -9.12 -9.05
N TRP A 171 4.59 -9.73 -8.54
CA TRP A 171 5.50 -9.00 -7.66
C TRP A 171 6.09 -7.79 -8.37
N LEU A 172 6.54 -7.98 -9.62
CA LEU A 172 7.12 -6.89 -10.37
C LEU A 172 6.12 -5.76 -10.57
N LEU A 173 4.88 -6.09 -10.93
CA LEU A 173 3.87 -5.05 -11.15
C LEU A 173 3.59 -4.28 -9.87
N ALA A 174 3.50 -4.98 -8.73
CA ALA A 174 3.27 -4.29 -7.46
C ALA A 174 4.40 -3.33 -7.15
N PHE A 175 5.64 -3.77 -7.33
CA PHE A 175 6.79 -2.90 -7.07
C PHE A 175 6.78 -1.68 -7.97
N CYS A 176 6.49 -1.87 -9.26
CA CYS A 176 6.50 -0.76 -10.21
C CYS A 176 5.45 0.29 -9.86
N VAL A 177 4.25 -0.14 -9.46
CA VAL A 177 3.19 0.80 -9.14
C VAL A 177 3.43 1.49 -7.80
N SER A 178 4.18 0.85 -6.90
CA SER A 178 4.44 1.46 -5.59
C SER A 178 5.48 2.56 -5.66
N LEU A 179 6.48 2.43 -6.53
CA LEU A 179 7.61 3.36 -6.56
C LEU A 179 7.21 4.83 -6.64
N PRO A 180 6.34 5.25 -7.56
CA PRO A 180 6.15 6.70 -7.76
C PRO A 180 5.70 7.44 -6.51
N ASP A 181 4.83 6.82 -5.71
CA ASP A 181 4.36 7.49 -4.50
C ASP A 181 5.50 7.70 -3.51
N THR A 182 6.38 6.72 -3.37
CA THR A 182 7.50 6.86 -2.43
C THR A 182 8.53 7.86 -2.91
N TYR A 183 8.73 7.98 -4.22
CA TYR A 183 9.83 8.81 -4.72
C TYR A 183 9.66 10.26 -4.28
N TYR A 184 8.44 10.78 -4.38
CA TYR A 184 8.18 12.19 -4.14
C TYR A 184 7.90 12.49 -2.67
N LEU A 185 8.00 11.49 -1.80
CA LEU A 185 7.69 11.66 -0.39
C LEU A 185 8.88 12.25 0.36
N LYS A 186 8.60 13.22 1.22
CA LYS A 186 9.63 13.88 2.01
C LYS A 186 9.07 14.23 3.39
N THR A 187 9.98 14.45 4.33
CA THR A 187 9.63 14.82 5.70
C THR A 187 10.01 16.27 5.95
N VAL A 188 9.13 17.00 6.62
CA VAL A 188 9.32 18.42 6.88
C VAL A 188 8.90 18.72 8.32
N THR A 189 9.05 19.98 8.71
CA THR A 189 8.61 20.47 10.02
C THR A 189 7.80 21.74 9.82
N SER A 190 6.62 21.79 10.43
CA SER A 190 5.75 22.94 10.25
C SER A 190 6.39 24.20 10.82
N ALA A 191 6.34 25.29 10.05
CA ALA A 191 6.95 26.53 10.49
C ALA A 191 6.27 27.08 11.74
N SER A 192 4.93 27.01 11.78
CA SER A 192 4.17 27.58 12.90
C SER A 192 3.93 26.54 13.99
N ASN A 193 3.35 25.40 13.63
CA ASN A 193 3.07 24.38 14.62
C ASN A 193 4.34 23.94 15.34
N ASN A 194 5.49 24.08 14.69
CA ASN A 194 6.76 23.63 15.26
C ASN A 194 6.72 22.13 15.53
N GLU A 195 6.15 21.37 14.59
CA GLU A 195 6.06 19.94 14.69
C GLU A 195 6.48 19.31 13.37
N THR A 196 6.90 18.05 13.44
CA THR A 196 7.47 17.35 12.29
C THR A 196 6.43 16.41 11.69
N TYR A 197 6.35 16.40 10.36
CA TYR A 197 5.42 15.57 9.63
C TYR A 197 6.14 14.92 8.46
N CYS A 198 5.49 13.91 7.88
CA CYS A 198 5.94 13.30 6.64
C CYS A 198 4.79 13.30 5.66
N ARG A 199 5.04 13.77 4.44
CA ARG A 199 3.97 13.93 3.45
C ARG A 199 4.60 13.94 2.06
N SER A 200 3.74 13.84 1.06
CA SER A 200 4.17 13.83 -0.33
C SER A 200 4.39 15.25 -0.81
N PHE A 201 5.47 15.43 -1.59
CA PHE A 201 5.81 16.71 -2.18
C PHE A 201 5.93 16.53 -3.69
N TYR A 202 4.81 16.65 -4.38
CA TYR A 202 4.74 16.44 -5.81
C TYR A 202 5.30 17.65 -6.55
N PRO A 203 5.56 17.52 -7.85
CA PRO A 203 6.09 18.66 -8.61
C PRO A 203 5.16 19.86 -8.53
N GLU A 204 5.76 21.05 -8.46
CA GLU A 204 5.01 22.25 -8.12
C GLU A 204 3.91 22.54 -9.14
N HIS A 205 4.13 22.20 -10.41
CA HIS A 205 3.21 22.57 -11.49
C HIS A 205 2.27 21.43 -11.87
N SER A 206 2.23 20.35 -11.08
CA SER A 206 1.35 19.24 -11.39
C SER A 206 0.70 18.62 -10.16
N ILE A 207 0.80 19.26 -8.99
CA ILE A 207 0.38 18.62 -7.74
C ILE A 207 -0.99 17.98 -7.92
N LYS A 208 -1.99 18.81 -8.27
CA LYS A 208 -3.35 18.31 -8.47
C LYS A 208 -3.36 17.00 -9.26
N GLU A 209 -2.87 17.05 -10.49
CA GLU A 209 -2.84 15.85 -11.33
C GLU A 209 -2.28 14.67 -10.57
N TRP A 210 -1.05 14.79 -10.08
CA TRP A 210 -0.42 13.71 -9.33
C TRP A 210 -1.38 13.15 -8.30
N LEU A 211 -1.85 14.00 -7.39
CA LEU A 211 -2.81 13.57 -6.37
C LEU A 211 -3.92 12.74 -6.99
N ILE A 212 -4.70 13.35 -7.88
CA ILE A 212 -5.82 12.64 -8.50
C ILE A 212 -5.34 11.36 -9.16
N GLY A 213 -4.26 11.47 -9.94
CA GLY A 213 -3.69 10.31 -10.61
C GLY A 213 -3.50 9.15 -9.66
N MET A 214 -2.77 9.38 -8.57
CA MET A 214 -2.50 8.30 -7.64
C MET A 214 -3.78 7.68 -7.13
N GLU A 215 -4.77 8.51 -6.80
CA GLU A 215 -6.02 7.98 -6.25
C GLU A 215 -6.71 7.06 -7.24
N LEU A 216 -6.71 7.42 -8.53
CA LEU A 216 -7.28 6.53 -9.54
C LEU A 216 -6.53 5.20 -9.55
N VAL A 217 -5.19 5.27 -9.56
CA VAL A 217 -4.40 4.05 -9.52
C VAL A 217 -4.64 3.30 -8.21
N SER A 218 -5.03 4.04 -7.16
CA SER A 218 -5.34 3.42 -5.88
C SER A 218 -6.72 2.77 -5.88
N VAL A 219 -7.58 3.14 -6.81
CA VAL A 219 -8.97 2.64 -6.87
C VAL A 219 -9.13 1.64 -7.99
N VAL A 220 -8.91 2.06 -9.24
CA VAL A 220 -9.10 1.17 -10.37
C VAL A 220 -8.25 -0.08 -10.20
N LEU A 221 -6.93 0.09 -10.13
CA LEU A 221 -6.03 -1.03 -9.91
C LEU A 221 -6.14 -1.60 -8.51
N GLY A 222 -6.82 -0.91 -7.60
CA GLY A 222 -6.91 -1.36 -6.22
C GLY A 222 -8.20 -2.09 -5.92
N PHE A 223 -9.33 -1.53 -6.33
CA PHE A 223 -10.64 -2.08 -6.01
C PHE A 223 -11.43 -2.47 -7.25
N ALA A 224 -11.59 -1.57 -8.21
CA ALA A 224 -12.51 -1.81 -9.31
C ALA A 224 -12.16 -3.09 -10.05
N VAL A 225 -10.98 -3.12 -10.68
CA VAL A 225 -10.60 -4.27 -11.49
C VAL A 225 -10.49 -5.53 -10.64
N PRO A 226 -9.78 -5.54 -9.51
CA PRO A 226 -9.72 -6.78 -8.72
C PRO A 226 -11.07 -7.30 -8.31
N PHE A 227 -11.94 -6.43 -7.77
CA PHE A 227 -13.25 -6.88 -7.32
C PHE A 227 -14.09 -7.38 -8.48
N SER A 228 -14.07 -6.68 -9.61
CA SER A 228 -14.84 -7.11 -10.76
C SER A 228 -14.42 -8.52 -11.21
N ILE A 229 -13.11 -8.75 -11.34
CA ILE A 229 -12.64 -10.06 -11.77
C ILE A 229 -13.04 -11.12 -10.76
N ILE A 230 -12.87 -10.84 -9.47
CA ILE A 230 -13.19 -11.82 -8.44
C ILE A 230 -14.66 -12.20 -8.50
N ALA A 231 -15.54 -11.21 -8.58
CA ALA A 231 -16.98 -11.50 -8.59
C ALA A 231 -17.34 -12.34 -9.81
N VAL A 232 -16.87 -11.94 -10.99
CA VAL A 232 -17.26 -12.64 -12.22
C VAL A 232 -16.74 -14.08 -12.20
N PHE A 233 -15.49 -14.26 -11.82
CA PHE A 233 -14.86 -15.58 -11.91
C PHE A 233 -15.19 -16.48 -10.73
N TYR A 234 -15.87 -15.98 -9.70
CA TYR A 234 -16.45 -16.85 -8.69
C TYR A 234 -17.90 -17.19 -8.98
N PHE A 235 -18.64 -16.27 -9.61
CA PHE A 235 -19.98 -16.59 -10.07
C PHE A 235 -19.94 -17.68 -11.12
N LEU A 236 -18.98 -17.60 -12.06
CA LEU A 236 -18.84 -18.64 -13.07
C LEU A 236 -18.47 -19.98 -12.43
N LEU A 237 -17.59 -19.94 -11.42
CA LEU A 237 -17.23 -21.17 -10.73
C LEU A 237 -18.46 -21.77 -10.05
N ALA A 238 -19.29 -20.94 -9.43
CA ALA A 238 -20.50 -21.45 -8.79
C ALA A 238 -21.43 -22.07 -9.82
N ARG A 239 -21.60 -21.42 -10.97
CA ARG A 239 -22.44 -21.99 -12.01
C ARG A 239 -21.88 -23.32 -12.48
N ALA A 240 -20.57 -23.40 -12.69
CA ALA A 240 -19.97 -24.65 -13.14
C ALA A 240 -20.15 -25.75 -12.10
N ILE A 241 -19.96 -25.42 -10.82
CA ILE A 241 -20.16 -26.41 -9.76
C ILE A 241 -21.61 -26.85 -9.72
N SER A 242 -22.54 -25.92 -9.97
CA SER A 242 -23.95 -26.28 -10.04
C SER A 242 -24.21 -27.25 -11.18
N ALA A 243 -23.58 -27.03 -12.33
CA ALA A 243 -23.73 -27.96 -13.45
C ALA A 243 -23.20 -29.34 -13.08
N SER A 244 -22.26 -29.42 -12.14
CA SER A 244 -21.74 -30.70 -11.69
C SER A 244 -22.72 -31.35 -10.72
N SER A 245 -22.46 -32.61 -10.43
CA SER A 245 -23.30 -33.37 -9.50
C SER A 245 -22.50 -33.99 -8.36
N ASP A 246 -21.31 -34.53 -8.64
CA ASP A 246 -20.50 -35.10 -7.58
C ASP A 246 -19.79 -34.02 -6.77
N GLN A 247 -19.34 -32.95 -7.43
CA GLN A 247 -18.59 -31.92 -6.72
C GLN A 247 -19.44 -31.23 -5.66
N GLU A 248 -20.63 -30.77 -6.05
CA GLU A 248 -21.44 -29.98 -5.14
C GLU A 248 -21.78 -30.73 -3.86
N LYS A 249 -21.73 -32.06 -3.88
CA LYS A 249 -21.89 -32.82 -2.65
C LYS A 249 -20.77 -32.53 -1.66
N HIS A 250 -19.54 -32.42 -2.16
CA HIS A 250 -18.38 -32.22 -1.30
C HIS A 250 -18.03 -30.76 -1.09
N SER A 251 -18.42 -29.87 -2.00
CA SER A 251 -18.06 -28.47 -1.90
C SER A 251 -19.10 -27.71 -1.08
N SER A 252 -18.91 -26.40 -0.95
CA SER A 252 -19.82 -25.53 -0.23
C SER A 252 -20.25 -24.39 -1.15
N ARG A 253 -21.55 -24.14 -1.21
CA ARG A 253 -22.06 -23.12 -2.13
C ARG A 253 -21.95 -21.73 -1.53
N LYS A 254 -22.25 -21.57 -0.23
CA LYS A 254 -22.22 -20.25 0.36
C LYS A 254 -20.80 -19.70 0.42
N ILE A 255 -19.83 -20.55 0.71
CA ILE A 255 -18.49 -20.07 1.04
C ILE A 255 -17.91 -19.27 -0.12
N ILE A 256 -18.32 -19.57 -1.35
CA ILE A 256 -17.83 -18.80 -2.49
C ILE A 256 -18.32 -17.36 -2.40
N PHE A 257 -19.63 -17.18 -2.18
CA PHE A 257 -20.16 -15.84 -1.99
C PHE A 257 -19.64 -15.22 -0.71
N SER A 258 -19.22 -16.03 0.26
CA SER A 258 -18.58 -15.52 1.47
C SER A 258 -17.26 -14.84 1.14
N TYR A 259 -16.44 -15.47 0.30
CA TYR A 259 -15.21 -14.81 -0.15
C TYR A 259 -15.53 -13.44 -0.74
N VAL A 260 -16.47 -13.40 -1.69
CA VAL A 260 -16.75 -12.15 -2.40
C VAL A 260 -17.24 -11.09 -1.41
N VAL A 261 -18.17 -11.46 -0.53
CA VAL A 261 -18.76 -10.50 0.39
C VAL A 261 -17.76 -10.02 1.42
N VAL A 262 -16.87 -10.92 1.87
CA VAL A 262 -15.85 -10.50 2.83
C VAL A 262 -14.92 -9.48 2.22
N PHE A 263 -14.48 -9.71 0.97
CA PHE A 263 -13.65 -8.72 0.30
C PHE A 263 -14.36 -7.39 0.19
N LEU A 264 -15.63 -7.42 -0.23
CA LEU A 264 -16.39 -6.18 -0.38
C LEU A 264 -16.47 -5.42 0.93
N VAL A 265 -16.87 -6.11 2.00
CA VAL A 265 -17.03 -5.45 3.30
C VAL A 265 -15.71 -4.87 3.79
N CYS A 266 -14.62 -5.62 3.66
CA CYS A 266 -13.34 -5.14 4.17
C CYS A 266 -12.87 -3.89 3.45
N TRP A 267 -13.03 -3.85 2.13
CA TRP A 267 -12.36 -2.84 1.31
C TRP A 267 -13.27 -1.71 0.86
N LEU A 268 -14.54 -1.99 0.56
CA LEU A 268 -15.39 -0.93 0.03
C LEU A 268 -15.51 0.26 0.97
N PRO A 269 -15.69 0.08 2.29
CA PRO A 269 -15.85 1.26 3.14
C PRO A 269 -14.66 2.22 3.07
N TYR A 270 -13.44 1.67 3.08
CA TYR A 270 -12.27 2.54 3.05
C TYR A 270 -12.19 3.30 1.74
N HIS A 271 -12.46 2.64 0.62
CA HIS A 271 -12.42 3.32 -0.67
C HIS A 271 -13.52 4.37 -0.77
N VAL A 272 -14.70 4.10 -0.18
CA VAL A 272 -15.75 5.10 -0.18
C VAL A 272 -15.32 6.32 0.62
N ALA A 273 -14.69 6.11 1.78
CA ALA A 273 -14.19 7.23 2.57
C ALA A 273 -13.15 8.02 1.80
N VAL A 274 -12.24 7.32 1.11
CA VAL A 274 -11.22 7.99 0.33
C VAL A 274 -11.87 8.83 -0.76
N LEU A 275 -12.82 8.25 -1.49
CA LEU A 275 -13.50 8.99 -2.55
C LEU A 275 -14.17 10.24 -2.00
N LEU A 276 -14.77 10.14 -0.82
CA LEU A 276 -15.36 11.31 -0.19
C LEU A 276 -14.31 12.37 0.09
N ASP A 277 -13.11 11.94 0.51
CA ASP A 277 -12.03 12.90 0.74
C ASP A 277 -11.70 13.68 -0.53
N ILE A 278 -11.53 12.99 -1.66
CA ILE A 278 -11.23 13.70 -2.90
C ILE A 278 -12.37 14.64 -3.26
N PHE A 279 -13.62 14.19 -3.08
CA PHE A 279 -14.74 15.07 -3.35
C PHE A 279 -14.67 16.33 -2.51
N SER A 280 -14.28 16.19 -1.24
CA SER A 280 -14.14 17.36 -0.38
C SER A 280 -13.01 18.25 -0.85
N ILE A 281 -11.89 17.66 -1.28
CA ILE A 281 -10.73 18.45 -1.68
C ILE A 281 -11.09 19.36 -2.84
N LEU A 282 -11.75 18.82 -3.85
CA LEU A 282 -12.17 19.61 -5.00
C LEU A 282 -13.35 20.50 -4.70
N HIS A 283 -13.78 20.55 -3.43
CA HIS A 283 -14.88 21.41 -3.02
C HIS A 283 -16.18 21.02 -3.73
N TYR A 284 -16.48 19.72 -3.74
CA TYR A 284 -17.81 19.25 -4.09
C TYR A 284 -18.76 19.27 -2.92
N ILE A 285 -18.27 19.56 -1.72
CA ILE A 285 -19.07 19.55 -0.50
C ILE A 285 -18.80 20.85 0.24
N PRO A 286 -19.82 21.53 0.76
CA PRO A 286 -19.55 22.73 1.57
C PRO A 286 -18.72 22.38 2.79
N PHE A 287 -17.89 23.32 3.22
CA PHE A 287 -16.94 23.09 4.30
C PHE A 287 -17.60 23.37 5.64
N THR A 288 -17.46 22.41 6.56
CA THR A 288 -17.96 22.56 7.92
C THR A 288 -17.02 21.81 8.85
N CYS A 289 -16.73 22.42 10.01
CA CYS A 289 -15.86 21.75 10.97
C CYS A 289 -16.39 20.37 11.31
N ARG A 290 -17.71 20.22 11.41
CA ARG A 290 -18.29 18.90 11.63
C ARG A 290 -17.94 17.96 10.50
N LEU A 291 -17.96 18.45 9.25
CA LEU A 291 -17.56 17.62 8.13
C LEU A 291 -16.12 17.17 8.26
N GLU A 292 -15.23 18.08 8.68
CA GLU A 292 -13.84 17.70 8.86
C GLU A 292 -13.70 16.63 9.92
N HIS A 293 -14.42 16.77 11.04
CA HIS A 293 -14.33 15.78 12.11
C HIS A 293 -14.83 14.42 11.62
N ALA A 294 -15.97 14.40 10.93
CA ALA A 294 -16.50 13.12 10.44
C ALA A 294 -15.54 12.49 9.44
N LEU A 295 -14.99 13.28 8.52
CA LEU A 295 -14.06 12.72 7.54
C LEU A 295 -12.83 12.16 8.22
N PHE A 296 -12.27 12.91 9.18
CA PHE A 296 -11.11 12.41 9.90
C PHE A 296 -11.43 11.10 10.60
N THR A 297 -12.53 11.07 11.35
CA THR A 297 -12.90 9.87 12.08
C THR A 297 -13.16 8.71 11.12
N ALA A 298 -13.90 8.97 10.05
CA ALA A 298 -14.23 7.91 9.10
C ALA A 298 -12.98 7.35 8.42
N LEU A 299 -12.09 8.22 7.96
CA LEU A 299 -10.90 7.74 7.27
C LEU A 299 -10.06 6.86 8.17
N HIS A 300 -9.85 7.27 9.42
CA HIS A 300 -9.01 6.49 10.32
C HIS A 300 -9.67 5.18 10.71
N VAL A 301 -10.96 5.22 11.05
CA VAL A 301 -11.65 4.00 11.46
C VAL A 301 -11.72 3.00 10.31
N THR A 302 -12.05 3.48 9.11
CA THR A 302 -12.10 2.60 7.95
C THR A 302 -10.73 2.06 7.57
N GLN A 303 -9.68 2.84 7.81
CA GLN A 303 -8.33 2.32 7.60
C GLN A 303 -8.06 1.14 8.52
N CYS A 304 -8.47 1.24 9.78
CA CYS A 304 -8.32 0.11 10.69
C CYS A 304 -9.09 -1.10 10.18
N LEU A 305 -10.34 -0.87 9.73
CA LEU A 305 -11.16 -1.97 9.23
C LEU A 305 -10.53 -2.60 7.99
N SER A 306 -9.99 -1.80 7.10
CA SER A 306 -9.32 -2.34 5.91
C SER A 306 -8.12 -3.20 6.29
N LEU A 307 -7.31 -2.74 7.24
CA LEU A 307 -6.15 -3.53 7.66
C LEU A 307 -6.55 -4.85 8.28
N VAL A 308 -7.78 -4.95 8.81
CA VAL A 308 -8.29 -6.25 9.24
C VAL A 308 -8.33 -7.24 8.08
N HIS A 309 -8.25 -6.74 6.85
CA HIS A 309 -8.26 -7.63 5.68
C HIS A 309 -7.11 -8.61 5.73
N CYS A 310 -5.91 -8.12 6.03
CA CYS A 310 -4.75 -9.00 6.12
C CYS A 310 -4.89 -9.97 7.29
N CYS A 311 -5.53 -9.54 8.37
CA CYS A 311 -5.78 -10.45 9.49
C CYS A 311 -6.73 -11.59 9.11
N VAL A 312 -7.74 -11.31 8.28
CA VAL A 312 -8.76 -12.31 7.99
C VAL A 312 -8.41 -13.23 6.82
N ASN A 313 -7.54 -12.81 5.91
CA ASN A 313 -7.22 -13.64 4.76
C ASN A 313 -6.79 -15.05 5.15
N PRO A 314 -5.92 -15.26 6.14
CA PRO A 314 -5.48 -16.64 6.42
C PRO A 314 -6.64 -17.57 6.73
N VAL A 315 -7.65 -17.10 7.46
CA VAL A 315 -8.75 -17.97 7.84
C VAL A 315 -9.55 -18.39 6.61
N LEU A 316 -9.86 -17.43 5.73
CA LEU A 316 -10.80 -17.70 4.65
C LEU A 316 -10.28 -18.80 3.73
N TYR A 317 -8.99 -18.76 3.39
CA TYR A 317 -8.44 -19.66 2.40
C TYR A 317 -7.73 -20.87 3.00
N SER A 318 -7.32 -20.81 4.26
CA SER A 318 -6.55 -21.89 4.86
C SER A 318 -7.30 -22.60 5.98
N PHE A 319 -7.76 -21.86 7.00
CA PHE A 319 -8.34 -22.53 8.16
C PHE A 319 -9.64 -23.25 7.82
N ILE A 320 -10.43 -22.72 6.90
CA ILE A 320 -11.67 -23.37 6.53
C ILE A 320 -11.41 -24.72 5.89
N ASN A 321 -10.46 -24.77 4.95
CA ASN A 321 -10.21 -25.99 4.20
C ASN A 321 -9.85 -27.13 5.14
N ARG A 322 -10.49 -28.29 4.91
CA ARG A 322 -10.29 -29.42 5.81
C ARG A 322 -8.87 -29.95 5.76
N ASN A 323 -8.27 -30.00 4.57
CA ASN A 323 -6.89 -30.50 4.46
C ASN A 323 -5.95 -29.64 5.30
N TYR A 324 -6.09 -28.32 5.23
CA TYR A 324 -5.23 -27.47 6.03
C TYR A 324 -5.46 -27.70 7.51
N ARG A 325 -6.71 -27.86 7.93
CA ARG A 325 -6.99 -28.14 9.33
C ARG A 325 -6.29 -29.41 9.77
N TYR A 326 -6.39 -30.46 8.97
CA TYR A 326 -5.76 -31.73 9.33
C TYR A 326 -4.24 -31.58 9.40
N GLU A 327 -3.65 -30.94 8.39
CA GLU A 327 -2.19 -30.78 8.37
C GLU A 327 -1.72 -29.90 9.51
N LEU A 328 -2.42 -28.79 9.77
CA LEU A 328 -2.03 -27.90 10.84
C LEU A 328 -2.17 -28.58 12.19
N MET A 329 -3.23 -29.38 12.38
CA MET A 329 -3.37 -30.14 13.61
C MET A 329 -2.21 -31.12 13.77
N LYS A 330 -1.82 -31.80 12.70
CA LYS A 330 -0.69 -32.71 12.76
C LYS A 330 0.58 -31.98 13.18
N ALA A 331 0.84 -30.84 12.55
CA ALA A 331 2.06 -30.08 12.86
C ALA A 331 2.04 -29.60 14.31
N PHE A 332 0.90 -29.11 14.77
CA PHE A 332 0.83 -28.56 16.13
C PHE A 332 1.17 -29.62 17.16
N ILE A 333 0.65 -30.83 17.00
CA ILE A 333 0.91 -31.91 17.94
C ILE A 333 2.38 -32.31 17.88
N LEU B 1 -2.03 3.96 -2.13
CA LEU B 1 -2.66 3.41 -0.89
C LEU B 1 -1.83 3.79 0.33
N ARG B 2 -1.41 5.05 0.40
CA ARG B 2 -0.62 5.51 1.53
C ARG B 2 -1.46 5.53 2.79
N HIS B 3 -0.84 5.14 3.90
CA HIS B 3 -1.53 5.20 5.18
C HIS B 3 -1.85 6.64 5.53
N GLN B 4 -2.95 6.84 6.27
CA GLN B 4 -3.45 8.19 6.51
C GLN B 4 -2.53 8.99 7.42
N SER B 5 -1.65 8.33 8.19
CA SER B 5 -0.71 9.08 9.01
C SER B 5 0.20 9.93 8.14
N LEU B 6 0.67 9.39 7.02
CA LEU B 6 1.46 10.16 6.08
C LEU B 6 0.63 11.16 5.29
N SER B 7 -0.70 11.10 5.39
CA SER B 7 -1.54 12.05 4.69
C SER B 7 -1.49 13.41 5.39
N TYR B 8 -1.97 14.42 4.68
CA TYR B 8 -2.01 15.79 5.19
C TYR B 8 -3.44 16.29 5.04
N ARG B 9 -4.04 16.70 6.16
CA ARG B 9 -5.45 17.07 6.20
C ARG B 9 -5.57 18.59 6.27
N CYS B 10 -5.93 19.20 5.15
CA CYS B 10 -6.20 20.62 5.08
C CYS B 10 -7.34 20.86 4.11
N PRO B 11 -8.05 21.98 4.25
CA PRO B 11 -9.07 22.30 3.24
C PRO B 11 -8.51 22.41 1.84
N CYS B 12 -7.24 22.78 1.70
CA CYS B 12 -6.59 22.89 0.41
C CYS B 12 -5.28 22.13 0.44
N ARG B 13 -4.88 21.60 -0.72
CA ARG B 13 -3.58 20.96 -0.85
C ARG B 13 -2.83 21.51 -2.06
N PHE B 14 -3.57 22.02 -3.03
CA PHE B 14 -3.00 22.68 -4.20
C PHE B 14 -3.61 24.06 -4.33
N PHE B 15 -3.24 24.78 -5.37
CA PHE B 15 -3.60 26.18 -5.53
C PHE B 15 -3.98 26.44 -6.99
N GLU B 16 -4.18 27.71 -7.31
CA GLU B 16 -4.41 28.13 -8.69
C GLU B 16 -4.01 29.59 -8.80
N SER B 17 -3.22 29.92 -9.82
CA SER B 17 -2.64 31.25 -9.96
C SER B 17 -2.97 31.85 -11.32
N HIS B 18 -4.22 31.68 -11.75
CA HIS B 18 -4.73 32.30 -12.96
C HIS B 18 -5.97 33.14 -12.71
N VAL B 19 -6.45 33.20 -11.46
CA VAL B 19 -7.71 33.87 -11.16
C VAL B 19 -7.57 35.37 -11.39
N ALA B 20 -8.70 36.02 -11.64
CA ALA B 20 -8.77 37.46 -11.81
C ALA B 20 -9.81 38.03 -10.87
N ARG B 21 -9.51 39.20 -10.30
CA ARG B 21 -10.48 39.86 -9.42
C ARG B 21 -11.79 40.12 -10.14
N ALA B 22 -11.77 40.26 -11.46
CA ALA B 22 -12.98 40.51 -12.22
C ALA B 22 -13.93 39.32 -12.21
N ASN B 23 -13.48 38.15 -11.77
CA ASN B 23 -14.29 36.93 -11.78
C ASN B 23 -14.17 36.20 -10.44
N VAL B 24 -14.36 36.95 -9.36
CA VAL B 24 -14.42 36.39 -8.02
C VAL B 24 -15.65 36.97 -7.33
N LYS B 25 -16.33 36.14 -6.52
CA LYS B 25 -17.62 36.51 -5.97
C LYS B 25 -17.70 36.34 -4.47
N HIS B 26 -16.90 35.44 -3.90
CA HIS B 26 -16.99 35.18 -2.47
C HIS B 26 -15.69 34.57 -1.97
N LEU B 27 -14.92 35.36 -1.23
CA LEU B 27 -13.71 34.87 -0.58
C LEU B 27 -14.08 34.08 0.67
N LYS B 28 -13.08 33.48 1.30
CA LYS B 28 -13.30 32.75 2.55
C LYS B 28 -11.96 32.42 3.19
N ILE B 29 -11.85 32.63 4.50
CA ILE B 29 -10.61 32.42 5.24
C ILE B 29 -10.84 31.33 6.26
N LEU B 30 -10.02 30.28 6.20
CA LEU B 30 -10.12 29.16 7.12
C LEU B 30 -8.87 29.15 8.00
N ASN B 31 -9.09 29.16 9.32
CA ASN B 31 -8.00 29.12 10.29
C ASN B 31 -8.03 27.74 10.94
N THR B 32 -7.33 26.80 10.32
CA THR B 32 -7.36 25.42 10.79
C THR B 32 -6.15 25.12 11.66
N PRO B 33 -6.28 24.19 12.61
CA PRO B 33 -5.16 23.96 13.55
C PRO B 33 -3.88 23.53 12.87
N ASN B 34 -3.94 22.50 12.03
CA ASN B 34 -2.75 21.89 11.45
C ASN B 34 -2.30 22.53 10.15
N CYS B 35 -2.95 23.59 9.68
CA CYS B 35 -2.59 24.18 8.40
C CYS B 35 -2.57 25.70 8.42
N ALA B 36 -2.77 26.33 9.57
CA ALA B 36 -2.69 27.80 9.70
C ALA B 36 -3.82 28.41 8.85
N LEU B 37 -3.60 29.54 8.21
CA LEU B 37 -4.62 30.23 7.44
C LEU B 37 -4.56 29.82 5.97
N GLN B 38 -5.73 29.58 5.39
CA GLN B 38 -5.86 29.22 3.99
C GLN B 38 -7.06 29.96 3.41
N ILE B 39 -7.10 30.03 2.08
CA ILE B 39 -8.11 30.79 1.38
C ILE B 39 -8.92 29.86 0.49
N VAL B 40 -10.17 30.26 0.22
CA VAL B 40 -11.03 29.57 -0.73
C VAL B 40 -11.89 30.63 -1.41
N ALA B 41 -12.20 30.41 -2.67
CA ALA B 41 -12.91 31.39 -3.48
C ALA B 41 -14.15 30.73 -4.09
N ARG B 42 -14.89 31.53 -4.87
CA ARG B 42 -16.08 31.04 -5.55
C ARG B 42 -16.29 31.94 -6.77
N LEU B 43 -15.92 31.43 -7.95
CA LEU B 43 -15.96 32.23 -9.16
C LEU B 43 -17.38 32.64 -9.51
N LYS B 44 -17.53 33.45 -10.56
CA LYS B 44 -18.85 33.80 -11.08
C LYS B 44 -19.27 32.92 -12.25
N ASN B 45 -18.30 32.35 -12.99
CA ASN B 45 -18.61 31.56 -14.18
C ASN B 45 -18.75 30.08 -13.82
N ASN B 46 -17.68 29.48 -13.30
CA ASN B 46 -17.72 28.06 -12.98
C ASN B 46 -18.59 27.76 -11.77
N ASN B 47 -18.82 28.75 -10.90
CA ASN B 47 -19.55 28.53 -9.66
C ASN B 47 -18.91 27.44 -8.83
N ARG B 48 -17.59 27.31 -8.94
CA ARG B 48 -16.82 26.27 -8.28
C ARG B 48 -15.95 26.87 -7.19
N GLN B 49 -15.73 26.11 -6.13
CA GLN B 49 -14.91 26.56 -5.00
C GLN B 49 -13.46 26.21 -5.31
N VAL B 50 -12.77 27.13 -5.97
CA VAL B 50 -11.36 26.98 -6.31
C VAL B 50 -10.51 27.58 -5.21
N CYS B 51 -9.46 26.87 -4.82
CA CYS B 51 -8.54 27.43 -3.84
C CYS B 51 -7.73 28.55 -4.47
N ILE B 52 -7.17 29.41 -3.61
CA ILE B 52 -6.39 30.56 -4.05
C ILE B 52 -5.06 30.55 -3.32
N ASP B 53 -4.02 31.06 -4.00
CA ASP B 53 -2.67 31.11 -3.44
C ASP B 53 -2.38 32.49 -2.90
N PRO B 54 -1.90 32.63 -1.65
CA PRO B 54 -1.67 33.97 -1.11
C PRO B 54 -0.65 34.79 -1.88
N LYS B 55 0.17 34.14 -2.72
CA LYS B 55 1.21 34.87 -3.44
C LYS B 55 0.67 36.06 -4.19
N LEU B 56 -0.56 35.96 -4.71
CA LEU B 56 -1.15 37.07 -5.44
C LEU B 56 -1.17 38.32 -4.56
N LYS B 57 -0.76 39.45 -5.13
CA LYS B 57 -0.66 40.67 -4.35
C LYS B 57 -2.04 41.15 -3.90
N TRP B 58 -2.99 41.25 -4.84
CA TRP B 58 -4.29 41.81 -4.49
C TRP B 58 -5.04 40.90 -3.54
N ILE B 59 -4.90 39.59 -3.70
CA ILE B 59 -5.56 38.66 -2.79
C ILE B 59 -5.11 38.90 -1.35
N GLN B 60 -3.80 38.94 -1.12
CA GLN B 60 -3.30 39.07 0.25
C GLN B 60 -3.65 40.41 0.86
N GLU B 61 -3.52 41.50 0.10
CA GLU B 61 -3.84 42.81 0.64
C GLU B 61 -5.32 42.92 1.01
N TYR B 62 -6.20 42.40 0.16
CA TYR B 62 -7.63 42.43 0.47
C TYR B 62 -7.95 41.64 1.73
N LEU B 63 -7.35 40.46 1.88
CA LEU B 63 -7.62 39.64 3.05
C LEU B 63 -7.18 40.33 4.33
N GLU B 64 -5.95 40.84 4.34
CA GLU B 64 -5.44 41.50 5.54
C GLU B 64 -6.23 42.76 5.85
N LYS B 65 -6.68 43.48 4.81
CA LYS B 65 -7.54 44.64 5.03
C LYS B 65 -8.84 44.24 5.69
N ALA B 66 -9.45 43.14 5.23
CA ALA B 66 -10.72 42.70 5.81
C ALA B 66 -10.55 42.29 7.27
N LEU B 67 -9.47 41.60 7.60
CA LEU B 67 -9.28 41.10 8.96
C LEU B 67 -9.00 42.21 9.96
N ASN B 68 -8.76 43.44 9.50
CA ASN B 68 -8.59 44.58 10.38
C ASN B 68 -9.90 45.28 10.71
N LYS B 69 -11.02 44.83 10.14
CA LYS B 69 -12.32 45.43 10.41
C LYS B 69 -13.20 44.43 11.16
N ILE C 3 21.17 28.07 12.86
CA ILE C 3 21.10 28.72 11.56
C ILE C 3 21.62 30.15 11.67
N GLN C 4 22.46 30.54 10.72
CA GLN C 4 23.08 31.86 10.71
C GLN C 4 22.78 32.55 9.40
N MET C 5 22.30 33.79 9.48
CA MET C 5 22.06 34.63 8.32
C MET C 5 23.03 35.79 8.38
N THR C 6 23.97 35.84 7.45
CA THR C 6 25.03 36.83 7.44
C THR C 6 24.82 37.79 6.27
N GLN C 7 24.84 39.08 6.56
CA GLN C 7 24.66 40.12 5.56
C GLN C 7 25.92 40.97 5.49
N SER C 8 26.20 41.49 4.31
CA SER C 8 27.38 42.29 4.06
C SER C 8 27.01 43.46 3.15
N PRO C 9 27.76 44.55 3.20
CA PRO C 9 28.85 44.87 4.13
C PRO C 9 28.33 45.28 5.51
N SER C 10 29.17 45.24 6.53
CA SER C 10 28.75 45.69 7.86
C SER C 10 28.48 47.19 7.91
N SER C 11 28.89 47.93 6.89
CA SER C 11 28.57 49.36 6.80
C SER C 11 28.63 49.75 5.34
N LEU C 12 28.00 50.88 5.02
CA LEU C 12 27.93 51.36 3.66
C LEU C 12 27.77 52.87 3.66
N SER C 13 28.09 53.49 2.53
CA SER C 13 28.03 54.93 2.37
C SER C 13 27.55 55.26 0.96
N ALA C 14 26.72 56.30 0.86
CA ALA C 14 26.20 56.74 -0.42
C ALA C 14 25.54 58.09 -0.23
N SER C 15 25.13 58.71 -1.34
CA SER C 15 24.54 60.04 -1.32
C SER C 15 23.22 60.08 -2.07
N VAL C 16 22.67 61.28 -2.25
CA VAL C 16 21.39 61.41 -2.95
C VAL C 16 21.59 61.08 -4.42
N GLY C 17 20.52 60.60 -5.06
CA GLY C 17 20.57 60.24 -6.46
C GLY C 17 21.60 59.18 -6.75
N ASP C 18 21.60 58.11 -5.94
CA ASP C 18 22.62 57.08 -6.02
C ASP C 18 21.97 55.70 -5.93
N ARG C 19 22.78 54.69 -6.21
CA ARG C 19 22.38 53.29 -6.13
C ARG C 19 23.04 52.66 -4.91
N VAL C 20 22.33 51.71 -4.29
CA VAL C 20 22.81 51.02 -3.10
C VAL C 20 22.32 49.60 -3.14
N THR C 21 23.14 48.68 -2.62
CA THR C 21 22.82 47.27 -2.61
C THR C 21 23.37 46.64 -1.34
N ILE C 22 22.60 45.71 -0.76
CA ILE C 22 22.98 45.00 0.45
C ILE C 22 22.73 43.52 0.22
N THR C 23 23.73 42.70 0.55
CA THR C 23 23.66 41.26 0.30
C THR C 23 23.35 40.51 1.59
N CYS C 24 22.63 39.40 1.46
CA CYS C 24 22.26 38.55 2.57
C CYS C 24 22.43 37.10 2.15
N ARG C 25 23.12 36.31 2.99
CA ARG C 25 23.36 34.90 2.70
C ARG C 25 23.04 34.07 3.94
N ALA C 26 22.76 32.80 3.71
CA ALA C 26 22.37 31.88 4.77
C ALA C 26 23.26 30.64 4.74
N SER C 27 23.33 29.96 5.88
CA SER C 27 24.08 28.72 6.00
C SER C 27 23.27 27.51 5.58
N GLN C 28 22.00 27.68 5.21
CA GLN C 28 21.18 26.63 4.63
C GLN C 28 20.36 27.25 3.51
N SER C 29 19.38 26.51 3.01
CA SER C 29 18.52 26.95 1.93
C SER C 29 17.17 27.38 2.48
N VAL C 30 16.76 28.60 2.14
CA VAL C 30 15.46 29.13 2.53
C VAL C 30 14.69 29.42 1.25
N SER C 31 13.50 28.82 1.12
CA SER C 31 12.72 28.91 -0.10
C SER C 31 12.03 30.27 -0.16
N SER C 32 12.81 31.29 -0.52
CA SER C 32 12.30 32.65 -0.69
C SER C 32 11.63 33.18 0.58
N ALA C 33 11.99 32.64 1.74
CA ALA C 33 11.38 33.03 3.01
C ALA C 33 12.32 34.01 3.73
N VAL C 34 12.28 35.27 3.29
CA VAL C 34 13.09 36.32 3.90
C VAL C 34 12.29 37.62 3.95
N ALA C 35 12.79 38.55 4.75
CA ALA C 35 12.15 39.85 4.93
C ALA C 35 13.22 40.89 5.19
N TRP C 36 13.01 42.09 4.65
CA TRP C 36 13.94 43.21 4.81
C TRP C 36 13.25 44.31 5.61
N TYR C 37 13.87 44.71 6.72
CA TYR C 37 13.38 45.77 7.57
C TYR C 37 14.37 46.93 7.59
N GLN C 38 13.90 48.10 8.01
CA GLN C 38 14.78 49.22 8.32
C GLN C 38 14.41 49.75 9.69
N GLN C 39 15.41 49.90 10.55
CA GLN C 39 15.23 50.50 11.87
C GLN C 39 15.81 51.91 11.85
N LYS C 40 15.00 52.88 12.26
CA LYS C 40 15.45 54.25 12.39
C LYS C 40 16.29 54.36 13.66
N PRO C 41 16.87 55.54 13.94
CA PRO C 41 17.75 55.66 15.10
C PRO C 41 17.18 55.09 16.38
N GLY C 42 15.99 55.54 16.77
CA GLY C 42 15.43 55.12 18.05
C GLY C 42 13.96 54.76 17.97
N LYS C 43 13.53 54.20 16.85
CA LYS C 43 12.14 53.83 16.65
C LYS C 43 12.04 52.37 16.25
N ALA C 44 10.86 51.79 16.45
CA ALA C 44 10.65 50.39 16.13
C ALA C 44 10.84 50.17 14.63
N PRO C 45 11.48 49.07 14.22
CA PRO C 45 11.74 48.86 12.80
C PRO C 45 10.46 48.74 11.99
N LYS C 46 10.53 49.21 10.75
CA LYS C 46 9.44 49.04 9.80
C LYS C 46 9.61 47.71 9.07
N LEU C 47 8.72 47.44 8.10
CA LEU C 47 8.84 46.28 7.24
C LEU C 47 8.83 46.74 5.79
N LEU C 48 9.86 46.38 5.04
CA LEU C 48 10.05 46.85 3.67
C LEU C 48 9.64 45.82 2.62
N ILE C 49 10.14 44.59 2.72
CA ILE C 49 9.86 43.54 1.75
C ILE C 49 9.65 42.23 2.50
N TYR C 50 8.72 41.41 2.01
CA TYR C 50 8.47 40.08 2.54
C TYR C 50 8.62 39.05 1.42
N SER C 51 8.49 37.78 1.79
CA SER C 51 8.74 36.68 0.87
C SER C 51 10.14 36.81 0.30
N ALA C 52 10.27 37.13 -0.99
CA ALA C 52 11.58 37.41 -1.58
C ALA C 52 11.65 38.79 -2.19
N SER C 53 10.67 39.17 -3.02
CA SER C 53 10.68 40.47 -3.67
C SER C 53 9.30 41.11 -3.70
N SER C 54 8.38 40.70 -2.83
CA SER C 54 7.04 41.25 -2.80
C SER C 54 7.03 42.49 -1.90
N LEU C 55 6.85 43.66 -2.50
CA LEU C 55 6.83 44.89 -1.75
C LEU C 55 5.64 44.93 -0.80
N TYR C 56 5.80 45.66 0.29
CA TYR C 56 4.70 45.87 1.22
C TYR C 56 3.71 46.88 0.63
N SER C 57 2.56 47.01 1.30
CA SER C 57 1.50 47.86 0.77
C SER C 57 1.95 49.31 0.65
N GLY C 58 2.62 49.84 1.67
CA GLY C 58 2.91 51.26 1.74
C GLY C 58 4.32 51.66 1.38
N VAL C 59 5.22 50.69 1.19
CA VAL C 59 6.62 51.00 0.95
C VAL C 59 6.78 51.69 -0.39
N PRO C 60 7.82 52.49 -0.60
CA PRO C 60 7.98 53.19 -1.89
C PRO C 60 8.28 52.24 -3.03
N SER C 61 8.50 52.79 -4.22
CA SER C 61 8.68 52.00 -5.43
C SER C 61 10.14 51.59 -5.66
N ARG C 62 11.10 52.39 -5.20
CA ARG C 62 12.50 52.11 -5.51
C ARG C 62 12.93 50.76 -4.95
N PHE C 63 12.55 50.46 -3.71
CA PHE C 63 13.03 49.26 -3.05
C PHE C 63 12.63 48.01 -3.83
N SER C 64 13.51 47.02 -3.84
CA SER C 64 13.25 45.78 -4.55
C SER C 64 14.11 44.69 -3.96
N GLY C 65 13.77 43.44 -4.28
CA GLY C 65 14.51 42.30 -3.81
C GLY C 65 14.84 41.35 -4.96
N SER C 66 15.66 40.37 -4.65
CA SER C 66 16.06 39.39 -5.65
C SER C 66 16.57 38.15 -4.93
N ARG C 67 16.57 37.03 -5.66
CA ARG C 67 17.03 35.76 -5.12
C ARG C 67 17.98 35.10 -6.11
N SER C 68 19.01 34.44 -5.55
CA SER C 68 19.89 33.58 -6.33
C SER C 68 20.39 32.51 -5.38
N GLY C 69 19.73 31.35 -5.39
CA GLY C 69 20.04 30.34 -4.39
C GLY C 69 19.87 30.92 -3.01
N THR C 70 20.89 30.75 -2.18
CA THR C 70 20.90 31.36 -0.84
C THR C 70 21.66 32.68 -0.87
N ASP C 71 21.14 33.62 -1.67
CA ASP C 71 21.77 34.92 -1.84
C ASP C 71 20.68 35.92 -2.22
N PHE C 72 20.26 36.74 -1.26
CA PHE C 72 19.21 37.73 -1.46
C PHE C 72 19.81 39.12 -1.40
N THR C 73 19.57 39.92 -2.43
CA THR C 73 20.16 41.25 -2.58
C THR C 73 19.06 42.29 -2.59
N LEU C 74 19.04 43.14 -1.56
CA LEU C 74 18.11 44.26 -1.49
C LEU C 74 18.73 45.46 -2.18
N THR C 75 17.97 46.08 -3.07
CA THR C 75 18.48 47.15 -3.92
C THR C 75 17.67 48.43 -3.70
N ILE C 76 18.36 49.55 -3.72
CA ILE C 76 17.75 50.87 -3.61
C ILE C 76 18.29 51.74 -4.73
N SER C 77 17.40 52.45 -5.42
CA SER C 77 17.78 53.33 -6.52
C SER C 77 17.20 54.71 -6.28
N SER C 78 17.93 55.73 -6.76
CA SER C 78 17.58 57.12 -6.54
C SER C 78 17.35 57.38 -5.05
N LEU C 79 18.37 57.06 -4.26
CA LEU C 79 18.29 57.17 -2.82
C LEU C 79 17.88 58.58 -2.41
N GLN C 80 16.94 58.65 -1.47
CA GLN C 80 16.47 59.92 -0.91
C GLN C 80 17.01 60.09 0.50
N PRO C 81 17.12 61.34 0.99
CA PRO C 81 17.77 61.56 2.28
C PRO C 81 17.12 60.81 3.45
N GLU C 82 15.80 60.65 3.44
CA GLU C 82 15.13 60.10 4.62
C GLU C 82 15.59 58.67 4.91
N ASP C 83 15.80 57.86 3.87
CA ASP C 83 16.09 56.44 4.08
C ASP C 83 17.57 56.22 4.40
N PHE C 84 18.10 56.96 5.38
CA PHE C 84 19.44 56.75 5.88
C PHE C 84 19.29 56.14 7.28
N ALA C 85 19.14 54.83 7.32
CA ALA C 85 18.89 54.13 8.57
C ALA C 85 19.35 52.69 8.42
N THR C 86 19.50 52.02 9.56
CA THR C 86 20.03 50.67 9.55
C THR C 86 19.04 49.75 8.85
N TYR C 87 19.59 48.73 8.17
CA TYR C 87 18.79 47.77 7.42
C TYR C 87 19.09 46.36 7.93
N TYR C 88 18.04 45.55 8.05
CA TYR C 88 18.14 44.23 8.65
C TYR C 88 17.51 43.18 7.73
N CYS C 89 18.08 41.99 7.76
CA CYS C 89 17.66 40.86 6.93
C CYS C 89 17.21 39.74 7.83
N GLN C 90 16.03 39.18 7.55
CA GLN C 90 15.43 38.16 8.39
C GLN C 90 14.98 36.99 7.54
N GLN C 91 15.08 35.79 8.12
CA GLN C 91 14.55 34.56 7.52
C GLN C 91 13.52 33.97 8.46
N TYR C 92 12.40 33.50 7.90
CA TYR C 92 11.35 32.87 8.70
C TYR C 92 10.99 31.48 8.18
N TYR C 93 11.89 30.84 7.42
CA TYR C 93 11.64 29.49 6.97
C TYR C 93 11.58 28.52 8.13
N TYR C 94 12.56 28.59 9.03
CA TYR C 94 12.61 27.68 10.16
C TYR C 94 11.76 28.19 11.31
N PRO C 95 11.39 27.30 12.25
CA PRO C 95 10.62 27.78 13.42
C PRO C 95 11.34 28.87 14.20
N LEU C 96 12.66 28.77 14.32
CA LEU C 96 13.45 29.79 15.01
C LEU C 96 13.94 30.82 14.01
N PHE C 97 13.47 32.06 14.16
CA PHE C 97 13.84 33.11 13.23
C PHE C 97 15.20 33.68 13.58
N THR C 98 15.72 34.52 12.69
CA THR C 98 17.04 35.13 12.89
C THR C 98 17.11 36.41 12.07
N PHE C 99 17.99 37.30 12.49
CA PHE C 99 18.14 38.61 11.87
C PHE C 99 19.59 38.85 11.48
N GLY C 100 19.77 39.72 10.49
CA GLY C 100 21.10 40.10 10.08
C GLY C 100 21.72 41.15 11.00
N GLN C 101 23.05 41.25 10.94
CA GLN C 101 23.76 42.16 11.83
C GLN C 101 23.35 43.60 11.57
N GLY C 102 23.25 44.00 10.31
CA GLY C 102 22.85 45.34 9.94
C GLY C 102 23.75 45.92 8.87
N THR C 103 23.30 47.06 8.33
CA THR C 103 24.06 47.78 7.31
C THR C 103 23.63 49.24 7.36
N LYS C 104 24.44 50.08 8.00
CA LYS C 104 24.12 51.49 8.14
C LYS C 104 24.54 52.23 6.87
N VAL C 105 23.58 52.67 6.09
CA VAL C 105 23.85 53.47 4.90
C VAL C 105 24.12 54.90 5.35
N GLU C 106 25.37 55.34 5.23
CA GLU C 106 25.80 56.65 5.68
C GLU C 106 26.08 57.54 4.48
N ILE C 107 26.47 58.78 4.77
CA ILE C 107 26.71 59.80 3.76
C ILE C 107 28.21 59.86 3.48
N LYS C 108 28.57 59.86 2.20
CA LYS C 108 29.96 60.00 1.80
C LYS C 108 30.57 61.28 2.36
N GLU D 4 -7.70 50.76 12.86
CA GLU D 4 -6.60 51.51 13.46
C GLU D 4 -5.74 50.60 14.32
N VAL D 5 -5.02 49.69 13.67
CA VAL D 5 -4.21 48.71 14.37
C VAL D 5 -3.30 49.41 15.37
N GLN D 6 -3.01 48.75 16.49
CA GLN D 6 -2.15 49.33 17.51
C GLN D 6 -1.77 48.25 18.51
N LEU D 7 -0.50 48.24 18.89
CA LEU D 7 0.00 47.42 19.99
C LEU D 7 0.65 48.35 21.02
N VAL D 8 0.38 48.09 22.30
CA VAL D 8 0.93 48.89 23.39
C VAL D 8 1.62 47.96 24.36
N GLU D 9 2.89 48.23 24.65
CA GLU D 9 3.63 47.50 25.64
C GLU D 9 3.58 48.22 26.98
N SER D 10 3.55 47.44 28.05
CA SER D 10 3.51 48.00 29.40
C SER D 10 4.21 47.03 30.35
N GLY D 11 4.61 47.55 31.49
CA GLY D 11 5.29 46.74 32.49
C GLY D 11 6.79 46.70 32.28
N GLY D 12 7.37 47.85 31.98
CA GLY D 12 8.81 47.94 31.78
C GLY D 12 9.45 48.94 32.70
N GLY D 13 10.54 48.53 33.36
CA GLY D 13 11.21 49.43 34.28
C GLY D 13 12.36 48.72 34.96
N LEU D 14 12.90 49.38 35.98
CA LEU D 14 14.06 48.85 36.69
C LEU D 14 13.75 47.47 37.25
N VAL D 15 14.72 46.56 37.13
CA VAL D 15 14.60 45.20 37.63
C VAL D 15 15.89 44.83 38.34
N GLN D 16 15.82 43.79 39.16
CA GLN D 16 16.98 43.21 39.81
C GLN D 16 17.20 41.78 39.31
N PRO D 17 18.45 41.35 39.13
CA PRO D 17 18.68 39.98 38.65
C PRO D 17 17.99 38.95 39.52
N GLY D 18 17.84 37.73 39.00
CA GLY D 18 17.17 36.68 39.74
C GLY D 18 15.73 37.00 40.06
N GLY D 19 15.12 37.95 39.35
CA GLY D 19 13.74 38.32 39.57
C GLY D 19 12.91 38.14 38.31
N SER D 20 11.92 39.00 38.10
CA SER D 20 11.09 38.91 36.91
C SER D 20 10.31 40.20 36.72
N LEU D 21 9.85 40.38 35.48
CA LEU D 21 8.95 41.47 35.13
C LEU D 21 7.87 40.88 34.22
N ARG D 22 6.64 41.34 34.40
CA ARG D 22 5.49 40.80 33.68
C ARG D 22 5.13 41.77 32.56
N LEU D 23 5.69 41.53 31.38
CA LEU D 23 5.44 42.39 30.24
C LEU D 23 4.06 42.08 29.66
N SER D 24 3.27 43.12 29.42
CA SER D 24 1.94 43.01 28.85
C SER D 24 1.92 43.65 27.47
N CYS D 25 1.30 42.95 26.52
CA CYS D 25 1.16 43.43 25.15
C CYS D 25 -0.32 43.45 24.81
N ALA D 26 -0.90 44.65 24.77
CA ALA D 26 -2.32 44.82 24.52
C ALA D 26 -2.55 45.21 23.07
N ALA D 27 -3.41 44.47 22.39
CA ALA D 27 -3.68 44.68 20.98
C ALA D 27 -5.08 45.27 20.79
N SER D 28 -5.23 46.05 19.73
CA SER D 28 -6.52 46.64 19.40
C SER D 28 -6.56 46.96 17.91
N GLY D 29 -7.72 46.73 17.30
CA GLY D 29 -7.94 47.09 15.92
C GLY D 29 -7.84 45.97 14.92
N PHE D 30 -7.69 44.72 15.36
CA PHE D 30 -7.62 43.59 14.45
C PHE D 30 -8.12 42.34 15.16
N ASN D 31 -8.47 41.33 14.36
CA ASN D 31 -8.98 40.07 14.88
C ASN D 31 -7.83 39.34 15.56
N PHE D 32 -7.77 39.41 16.89
CA PHE D 32 -6.64 38.88 17.62
C PHE D 32 -6.49 37.38 17.41
N SER D 33 -7.60 36.64 17.47
CA SER D 33 -7.51 35.18 17.42
C SER D 33 -6.94 34.69 16.10
N TYR D 34 -7.08 35.48 15.04
CA TYR D 34 -6.58 35.12 13.72
C TYR D 34 -5.17 35.66 13.47
N SER D 35 -4.23 35.41 14.38
CA SER D 35 -2.88 35.92 14.22
C SER D 35 -1.98 35.31 15.29
N SER D 36 -0.70 35.62 15.20
CA SER D 36 0.30 35.21 16.18
C SER D 36 1.10 36.44 16.60
N ILE D 37 1.63 36.39 17.81
CA ILE D 37 2.30 37.53 18.44
C ILE D 37 3.75 37.16 18.71
N HIS D 38 4.67 38.02 18.27
CA HIS D 38 6.10 37.79 18.40
C HIS D 38 6.70 38.81 19.36
N TRP D 39 7.52 38.32 20.28
CA TRP D 39 8.33 39.15 21.17
C TRP D 39 9.75 39.24 20.63
N VAL D 40 10.20 40.47 20.37
CA VAL D 40 11.54 40.71 19.86
C VAL D 40 12.29 41.57 20.87
N ARG D 41 13.62 41.51 20.80
CA ARG D 41 14.49 42.19 21.74
C ARG D 41 15.56 42.95 20.98
N GLN D 42 16.00 44.07 21.56
CA GLN D 42 17.11 44.85 21.01
C GLN D 42 18.04 45.24 22.13
N ALA D 43 19.27 44.74 22.09
CA ALA D 43 20.26 45.10 23.08
C ALA D 43 20.63 46.58 22.94
N PRO D 44 21.18 47.19 23.97
CA PRO D 44 21.51 48.62 23.89
C PRO D 44 22.54 48.88 22.80
N GLY D 45 22.13 49.65 21.80
CA GLY D 45 23.02 50.02 20.71
C GLY D 45 23.49 48.84 19.89
N LYS D 46 22.57 47.95 19.53
CA LYS D 46 22.91 46.78 18.73
C LYS D 46 21.72 46.46 17.83
N GLY D 47 21.80 45.32 17.15
CA GLY D 47 20.74 44.90 16.24
C GLY D 47 19.63 44.15 16.92
N LEU D 48 18.58 43.86 16.15
CA LEU D 48 17.43 43.15 16.66
C LEU D 48 17.79 41.69 16.95
N GLU D 49 16.94 41.05 17.76
CA GLU D 49 17.17 39.65 18.15
C GLU D 49 15.83 39.04 18.50
N TRP D 50 15.37 38.11 17.66
CA TRP D 50 14.09 37.46 17.90
C TRP D 50 14.15 36.66 19.20
N VAL D 51 13.10 36.78 20.01
CA VAL D 51 13.05 36.14 21.33
C VAL D 51 12.11 34.94 21.33
N ALA D 52 10.83 35.16 21.04
CA ALA D 52 9.82 34.11 21.12
C ALA D 52 8.57 34.60 20.40
N TYR D 53 7.55 33.75 20.37
CA TYR D 53 6.25 34.15 19.86
C TYR D 53 5.20 33.16 20.33
N ILE D 54 3.93 33.56 20.17
CA ILE D 54 2.79 32.72 20.52
C ILE D 54 1.79 32.81 19.37
N TYR D 55 0.98 31.77 19.23
CA TYR D 55 -0.13 31.78 18.29
C TYR D 55 -1.42 31.87 19.11
N SER D 56 -2.19 32.92 18.88
CA SER D 56 -3.27 33.28 19.80
C SER D 56 -4.28 32.16 19.95
N SER D 57 -4.73 31.60 18.83
CA SER D 57 -5.88 30.68 18.88
C SER D 57 -5.51 29.36 19.53
N TYR D 58 -4.57 28.63 18.94
CA TYR D 58 -4.25 27.27 19.38
C TYR D 58 -3.06 27.22 20.32
N GLY D 59 -2.51 28.36 20.71
CA GLY D 59 -1.46 28.38 21.72
C GLY D 59 -0.20 27.66 21.32
N TYR D 60 0.29 27.91 20.11
CA TYR D 60 1.57 27.37 19.65
C TYR D 60 2.67 28.35 20.00
N THR D 61 3.75 27.83 20.58
CA THR D 61 4.82 28.65 21.13
C THR D 61 6.17 28.13 20.65
N SER D 62 7.13 29.06 20.54
CA SER D 62 8.52 28.71 20.28
C SER D 62 9.41 29.73 20.97
N TYR D 63 10.64 29.32 21.24
CA TYR D 63 11.58 30.16 21.99
C TYR D 63 12.94 30.14 21.31
N ALA D 64 13.68 31.22 21.50
CA ALA D 64 15.07 31.25 21.07
C ALA D 64 15.93 30.41 22.01
N ASP D 65 17.08 29.98 21.51
CA ASP D 65 17.96 29.14 22.31
C ASP D 65 18.41 29.86 23.58
N SER D 66 18.74 31.14 23.46
CA SER D 66 19.23 31.89 24.63
C SER D 66 18.18 31.94 25.72
N VAL D 67 16.92 32.21 25.36
CA VAL D 67 15.86 32.39 26.33
C VAL D 67 15.00 31.14 26.49
N LYS D 68 15.45 30.00 25.95
CA LYS D 68 14.66 28.78 26.03
C LYS D 68 14.40 28.41 27.48
N GLY D 69 13.15 28.01 27.75
CA GLY D 69 12.80 27.56 29.09
C GLY D 69 13.01 28.57 30.18
N ARG D 70 13.06 29.86 29.82
CA ARG D 70 13.28 30.91 30.80
C ARG D 70 12.18 31.97 30.71
N PHE D 71 11.67 32.19 29.50
CA PHE D 71 10.56 33.10 29.26
C PHE D 71 9.34 32.32 28.83
N THR D 72 8.16 32.72 29.30
CA THR D 72 6.92 32.05 28.97
C THR D 72 5.93 33.07 28.42
N ILE D 73 5.12 32.63 27.45
CA ILE D 73 4.12 33.48 26.81
C ILE D 73 2.75 32.87 27.06
N SER D 74 1.80 33.72 27.44
CA SER D 74 0.40 33.33 27.58
C SER D 74 -0.45 34.30 26.77
N ALA D 75 -1.62 33.83 26.36
CA ALA D 75 -2.51 34.61 25.51
C ALA D 75 -3.90 34.67 26.12
N ASP D 76 -4.64 35.72 25.77
CA ASP D 76 -6.01 35.89 26.22
C ASP D 76 -6.73 36.73 25.17
N THR D 77 -7.53 36.07 24.32
CA THR D 77 -8.26 36.78 23.28
C THR D 77 -9.45 37.55 23.82
N SER D 78 -9.84 37.31 25.07
CA SER D 78 -10.95 38.06 25.65
C SER D 78 -10.65 39.55 25.69
N LYS D 79 -9.42 39.91 26.08
CA LYS D 79 -9.01 41.30 26.17
C LYS D 79 -7.91 41.65 25.19
N ASN D 80 -7.58 40.75 24.26
CA ASN D 80 -6.52 40.96 23.28
C ASN D 80 -5.19 41.24 24.00
N THR D 81 -4.81 40.30 24.85
CA THR D 81 -3.63 40.45 25.69
C THR D 81 -2.67 39.29 25.45
N ALA D 82 -1.37 39.61 25.44
CA ALA D 82 -0.31 38.61 25.39
C ALA D 82 0.69 38.94 26.49
N TYR D 83 0.89 38.01 27.41
CA TYR D 83 1.77 38.20 28.55
C TYR D 83 3.07 37.45 28.31
N LEU D 84 4.19 38.14 28.51
CA LEU D 84 5.51 37.53 28.55
C LEU D 84 5.97 37.57 30.00
N GLN D 85 6.00 36.41 30.64
CA GLN D 85 6.56 36.29 31.99
C GLN D 85 8.01 35.87 31.85
N MET D 86 8.92 36.74 32.29
CA MET D 86 10.36 36.52 32.15
C MET D 86 10.98 36.49 33.54
N ASN D 87 11.51 35.34 33.93
CA ASN D 87 12.15 35.15 35.22
C ASN D 87 13.61 34.76 35.02
N SER D 88 14.34 34.71 36.12
CA SER D 88 15.76 34.37 36.09
C SER D 88 16.54 35.31 35.17
N LEU D 89 16.23 36.61 35.28
CA LEU D 89 16.90 37.59 34.44
C LEU D 89 18.37 37.70 34.82
N ARG D 90 19.15 38.24 33.89
CA ARG D 90 20.57 38.49 34.10
C ARG D 90 20.93 39.84 33.50
N ALA D 91 22.10 40.34 33.89
CA ALA D 91 22.51 41.67 33.44
C ALA D 91 22.49 41.78 31.92
N GLU D 92 22.79 40.68 31.22
CA GLU D 92 22.81 40.72 29.75
C GLU D 92 21.42 40.97 29.19
N ASP D 93 20.37 40.59 29.91
CA ASP D 93 19.01 40.70 29.39
C ASP D 93 18.55 42.14 29.19
N THR D 94 19.27 43.11 29.75
CA THR D 94 18.88 44.50 29.57
C THR D 94 18.75 44.82 28.09
N ALA D 95 17.60 45.36 27.71
CA ALA D 95 17.30 45.61 26.31
C ALA D 95 15.93 46.26 26.20
N VAL D 96 15.60 46.68 24.98
CA VAL D 96 14.27 47.20 24.65
C VAL D 96 13.51 46.08 23.96
N TYR D 97 12.33 45.75 24.49
CA TYR D 97 11.54 44.63 24.00
C TYR D 97 10.35 45.15 23.19
N TYR D 98 10.13 44.56 22.02
CA TYR D 98 9.06 44.94 21.11
C TYR D 98 8.06 43.81 20.97
N CYS D 99 6.79 44.19 20.74
CA CYS D 99 5.72 43.25 20.47
C CYS D 99 5.22 43.49 19.05
N ALA D 100 5.09 42.42 18.28
CA ALA D 100 4.65 42.52 16.89
C ALA D 100 3.67 41.40 16.61
N ARG D 101 2.95 41.53 15.48
CA ARG D 101 1.98 40.55 15.04
C ARG D 101 2.34 40.04 13.66
N VAL D 102 1.75 38.91 13.30
CA VAL D 102 1.85 38.39 11.94
C VAL D 102 0.65 37.48 11.70
N TYR D 103 0.15 37.51 10.47
CA TYR D 103 -0.91 36.60 10.06
C TYR D 103 -0.26 35.39 9.41
N PRO D 104 -0.31 34.20 10.01
CA PRO D 104 0.46 33.08 9.47
C PRO D 104 -0.22 32.39 8.29
N TRP D 105 -0.13 33.02 7.12
CA TRP D 105 -0.70 32.44 5.93
C TRP D 105 0.01 31.12 5.60
N TRP D 106 -0.58 30.37 4.67
CA TRP D 106 -0.09 29.04 4.30
C TRP D 106 0.46 29.10 2.90
N TYR D 107 1.78 29.02 2.78
CA TYR D 107 2.44 28.77 1.51
C TYR D 107 2.84 27.31 1.45
N TYR D 108 2.93 26.79 0.22
CA TYR D 108 3.12 25.34 0.07
C TYR D 108 4.33 24.83 0.83
N LYS D 109 5.37 25.66 0.96
CA LYS D 109 6.61 25.25 1.62
C LYS D 109 6.73 25.84 3.03
N TYR D 110 6.60 27.14 3.16
CA TYR D 110 6.81 27.85 4.42
C TYR D 110 5.50 28.54 4.84
N TYR D 111 5.55 29.18 6.01
CA TYR D 111 4.43 29.96 6.52
C TYR D 111 4.86 31.41 6.60
N HIS D 112 3.98 32.31 6.16
CA HIS D 112 4.25 33.74 6.24
C HIS D 112 4.70 34.12 7.64
N GLY D 113 5.77 34.89 7.73
CA GLY D 113 6.33 35.27 9.01
C GLY D 113 6.88 36.68 9.07
N ALA D 114 6.44 37.53 8.14
CA ALA D 114 6.88 38.92 8.13
C ALA D 114 6.08 39.72 9.15
N LEU D 115 6.78 40.34 10.10
CA LEU D 115 6.13 41.10 11.17
C LEU D 115 5.58 42.40 10.59
N ASP D 116 4.28 42.43 10.35
CA ASP D 116 3.66 43.58 9.69
C ASP D 116 3.73 44.83 10.57
N TYR D 117 3.36 44.69 11.84
CA TYR D 117 3.26 45.83 12.75
C TYR D 117 4.13 45.61 13.97
N TRP D 118 4.79 46.68 14.42
CA TRP D 118 5.71 46.63 15.55
C TRP D 118 5.21 47.53 16.67
N GLY D 119 5.28 47.02 17.90
CA GLY D 119 4.96 47.84 19.05
C GLY D 119 6.04 48.86 19.33
N GLN D 120 5.70 49.85 20.15
CA GLN D 120 6.64 50.92 20.45
C GLN D 120 7.78 50.43 21.35
N GLY D 121 7.52 49.45 22.18
CA GLY D 121 8.59 48.83 22.97
C GLY D 121 8.79 49.50 24.31
N THR D 122 9.25 48.70 25.27
CA THR D 122 9.47 49.15 26.64
C THR D 122 10.87 48.73 27.08
N LEU D 123 11.46 49.54 27.97
CA LEU D 123 12.83 49.36 28.39
C LEU D 123 12.89 48.47 29.63
N VAL D 124 13.83 47.54 29.65
CA VAL D 124 14.06 46.65 30.78
C VAL D 124 15.53 46.71 31.16
N THR D 125 15.79 46.89 32.45
CA THR D 125 17.14 46.99 32.99
C THR D 125 17.33 45.95 34.08
N VAL D 126 18.41 45.17 33.98
CA VAL D 126 18.76 44.16 34.97
C VAL D 126 20.06 44.60 35.61
N SER D 127 20.03 44.92 36.90
CA SER D 127 21.21 45.38 37.62
C SER D 127 20.87 45.42 39.11
N SER D 128 21.82 45.87 39.91
CA SER D 128 21.63 45.98 41.34
C SER D 128 22.15 47.32 41.85
N ASP E 2 10.05 -38.70 -23.29
CA ASP E 2 9.78 -39.74 -22.31
C ASP E 2 10.66 -39.60 -21.09
N ILE E 3 10.05 -39.52 -19.91
CA ILE E 3 10.77 -39.53 -18.65
C ILE E 3 10.74 -40.99 -18.18
N GLN E 4 11.71 -41.76 -18.63
CA GLN E 4 11.71 -43.19 -18.37
C GLN E 4 11.78 -43.45 -16.87
N MET E 5 11.04 -44.46 -16.42
CA MET E 5 11.01 -44.87 -15.02
C MET E 5 11.62 -46.26 -14.90
N THR E 6 12.61 -46.38 -14.02
CA THR E 6 13.25 -47.66 -13.75
C THR E 6 12.60 -48.24 -12.48
N GLN E 7 11.85 -49.32 -12.66
CA GLN E 7 11.16 -49.98 -11.56
C GLN E 7 11.82 -51.33 -11.32
N SER E 8 12.33 -51.53 -10.11
CA SER E 8 13.02 -52.75 -9.74
C SER E 8 12.66 -53.12 -8.31
N PRO E 9 12.74 -54.40 -7.95
CA PRO E 9 13.06 -55.55 -8.82
C PRO E 9 11.87 -55.93 -9.70
N SER E 10 12.10 -56.72 -10.75
CA SER E 10 11.02 -57.22 -11.58
C SER E 10 10.49 -58.56 -11.11
N SER E 11 10.99 -59.07 -9.99
CA SER E 11 10.51 -60.32 -9.41
C SER E 11 10.62 -60.24 -7.90
N LEU E 12 9.86 -61.10 -7.23
CA LEU E 12 9.86 -61.15 -5.78
C LEU E 12 9.55 -62.57 -5.33
N SER E 13 9.90 -62.85 -4.08
CA SER E 13 9.69 -64.18 -3.52
C SER E 13 8.20 -64.52 -3.52
N ASP E 18 4.77 -60.22 5.16
CA ASP E 18 6.11 -60.26 4.57
C ASP E 18 6.53 -58.85 4.18
N ARG E 19 7.77 -58.49 4.51
CA ARG E 19 8.26 -57.14 4.24
C ARG E 19 8.53 -56.96 2.75
N VAL E 20 7.54 -56.46 2.02
CA VAL E 20 7.63 -56.31 0.57
C VAL E 20 7.90 -54.85 0.24
N THR E 21 8.98 -54.61 -0.48
CA THR E 21 9.35 -53.28 -0.94
C THR E 21 9.49 -53.29 -2.46
N ILE E 22 8.93 -52.28 -3.11
CA ILE E 22 9.10 -52.07 -4.54
C ILE E 22 9.63 -50.65 -4.71
N THR E 23 10.86 -50.53 -5.21
CA THR E 23 11.53 -49.25 -5.34
C THR E 23 11.54 -48.84 -6.81
N CYS E 24 11.12 -47.61 -7.07
CA CYS E 24 10.96 -47.10 -8.42
C CYS E 24 11.60 -45.72 -8.49
N ARG E 25 12.42 -45.49 -9.50
CA ARG E 25 13.16 -44.24 -9.65
C ARG E 25 12.93 -43.67 -11.05
N ALA E 26 13.24 -42.39 -11.19
CA ALA E 26 12.98 -41.67 -12.42
C ALA E 26 14.26 -40.99 -12.90
N SER E 27 14.31 -40.74 -14.22
CA SER E 27 15.45 -40.05 -14.80
C SER E 27 15.58 -38.64 -14.21
N GLN E 28 14.59 -37.80 -14.46
CA GLN E 28 14.54 -36.47 -13.86
C GLN E 28 13.90 -36.57 -12.47
N SER E 29 13.55 -35.43 -11.89
CA SER E 29 12.87 -35.37 -10.61
C SER E 29 11.42 -34.94 -10.81
N VAL E 30 10.49 -35.69 -10.22
CA VAL E 30 9.07 -35.39 -10.28
C VAL E 30 8.60 -35.12 -8.86
N SER E 31 7.91 -33.98 -8.68
CA SER E 31 7.56 -33.49 -7.35
C SER E 31 6.40 -34.31 -6.76
N SER E 32 6.72 -35.53 -6.34
CA SER E 32 5.76 -36.40 -5.67
C SER E 32 4.53 -36.67 -6.53
N ALA E 33 4.70 -36.72 -7.84
CA ALA E 33 3.61 -37.06 -8.75
C ALA E 33 3.47 -38.55 -8.96
N VAL E 34 4.34 -39.36 -8.34
CA VAL E 34 4.30 -40.80 -8.57
C VAL E 34 3.02 -41.40 -7.98
N ALA E 35 2.53 -42.46 -8.61
CA ALA E 35 1.39 -43.20 -8.11
C ALA E 35 1.70 -44.70 -8.11
N TRP E 36 0.72 -45.53 -7.79
CA TRP E 36 0.92 -46.98 -7.82
C TRP E 36 -0.39 -47.63 -8.21
N TYR E 37 -0.31 -48.88 -8.65
CA TYR E 37 -1.48 -49.57 -9.18
C TYR E 37 -1.36 -51.06 -8.90
N GLN E 38 -2.42 -51.78 -9.24
CA GLN E 38 -2.47 -53.23 -9.03
C GLN E 38 -3.50 -53.81 -9.98
N GLN E 39 -3.03 -54.50 -11.02
CA GLN E 39 -3.90 -55.21 -11.95
C GLN E 39 -3.72 -56.71 -11.75
N LYS E 40 -4.78 -57.38 -11.34
CA LYS E 40 -4.73 -58.83 -11.18
C LYS E 40 -4.89 -59.49 -12.55
N PRO E 41 -4.48 -60.76 -12.66
CA PRO E 41 -4.49 -61.42 -13.98
C PRO E 41 -5.77 -61.20 -14.76
N GLY E 42 -5.66 -60.55 -15.92
CA GLY E 42 -6.81 -60.31 -16.76
C GLY E 42 -7.84 -59.41 -16.09
N LYS E 43 -7.40 -58.32 -15.50
CA LYS E 43 -8.31 -57.38 -14.85
C LYS E 43 -7.71 -55.98 -14.91
N ALA E 44 -8.58 -54.97 -14.80
CA ALA E 44 -8.13 -53.59 -14.89
C ALA E 44 -7.45 -53.15 -13.59
N PRO E 45 -6.35 -52.43 -13.67
CA PRO E 45 -5.65 -52.02 -12.44
C PRO E 45 -6.52 -51.09 -11.58
N LYS E 46 -6.28 -51.16 -10.27
CA LYS E 46 -6.93 -50.28 -9.31
C LYS E 46 -5.87 -49.51 -8.54
N LEU E 47 -6.12 -48.23 -8.33
CA LEU E 47 -5.15 -47.38 -7.66
C LEU E 47 -4.96 -47.80 -6.21
N LEU E 48 -3.74 -47.61 -5.71
CA LEU E 48 -3.41 -47.92 -4.33
C LEU E 48 -2.83 -46.74 -3.57
N ILE E 49 -2.01 -45.92 -4.20
CA ILE E 49 -1.40 -44.75 -3.57
C ILE E 49 -1.31 -43.65 -4.61
N TYR E 50 -2.07 -42.58 -4.43
CA TYR E 50 -1.98 -41.43 -5.30
C TYR E 50 -1.14 -40.35 -4.63
N SER E 51 -0.51 -39.51 -5.44
CA SER E 51 0.51 -38.60 -4.92
C SER E 51 1.58 -39.40 -4.22
N ALA E 52 2.31 -38.78 -3.30
CA ALA E 52 3.49 -39.43 -2.73
C ALA E 52 3.15 -40.71 -1.97
N SER E 53 2.48 -40.59 -0.83
CA SER E 53 2.23 -41.72 0.05
C SER E 53 0.84 -41.66 0.67
N SER E 54 -0.16 -41.31 -0.13
CA SER E 54 -1.53 -41.15 0.37
C SER E 54 -2.39 -42.30 -0.13
N LEU E 55 -2.87 -43.12 0.80
CA LEU E 55 -3.74 -44.23 0.43
C LEU E 55 -4.99 -43.72 -0.28
N TYR E 56 -5.69 -44.64 -0.94
CA TYR E 56 -6.96 -44.35 -1.57
C TYR E 56 -8.09 -44.87 -0.69
N SER E 57 -9.16 -44.08 -0.61
CA SER E 57 -10.28 -44.40 0.27
C SER E 57 -10.74 -45.83 0.03
N GLY E 58 -10.72 -46.64 1.08
CA GLY E 58 -11.11 -48.02 1.02
C GLY E 58 -9.95 -48.99 0.88
N VAL E 59 -8.79 -48.52 0.43
CA VAL E 59 -7.63 -49.41 0.32
C VAL E 59 -7.21 -49.87 1.71
N PRO E 60 -6.84 -51.13 1.89
CA PRO E 60 -6.41 -51.57 3.23
C PRO E 60 -5.30 -50.71 3.80
N SER E 61 -5.05 -50.84 5.10
CA SER E 61 -4.04 -50.04 5.77
C SER E 61 -2.63 -50.57 5.56
N ARG E 62 -2.48 -51.78 5.03
CA ARG E 62 -1.13 -52.34 4.84
C ARG E 62 -0.33 -51.53 3.83
N PHE E 63 -0.97 -51.11 2.72
CA PHE E 63 -0.27 -50.36 1.71
C PHE E 63 0.25 -49.04 2.27
N SER E 64 1.51 -48.72 1.94
CA SER E 64 2.16 -47.53 2.48
C SER E 64 3.22 -47.04 1.51
N GLY E 65 3.15 -45.75 1.17
CA GLY E 65 4.09 -45.15 0.25
C GLY E 65 5.27 -44.51 0.95
N SER E 66 6.07 -43.80 0.15
CA SER E 66 7.24 -43.09 0.64
C SER E 66 7.88 -42.29 -0.47
N ARG E 67 8.96 -41.57 -0.17
CA ARG E 67 9.67 -40.79 -1.17
C ARG E 67 11.04 -40.41 -0.63
N SER E 68 12.00 -40.31 -1.54
CA SER E 68 13.37 -39.90 -1.20
C SER E 68 13.91 -38.95 -2.24
N GLY E 69 13.10 -37.98 -2.67
CA GLY E 69 13.52 -37.05 -3.70
C GLY E 69 13.25 -37.60 -5.09
N THR E 70 13.92 -38.70 -5.44
CA THR E 70 13.64 -39.38 -6.70
C THR E 70 13.61 -40.91 -6.56
N ASP E 71 13.92 -41.46 -5.38
CA ASP E 71 13.86 -42.89 -5.16
C ASP E 71 12.56 -43.23 -4.44
N PHE E 72 11.47 -43.23 -5.20
CA PHE E 72 10.17 -43.56 -4.63
C PHE E 72 10.14 -45.04 -4.27
N THR E 73 9.26 -45.40 -3.33
CA THR E 73 9.16 -46.78 -2.91
C THR E 73 7.79 -47.04 -2.30
N LEU E 74 7.24 -48.22 -2.57
CA LEU E 74 6.00 -48.68 -1.99
C LEU E 74 6.29 -49.81 -1.02
N THR E 75 5.60 -49.82 0.12
CA THR E 75 5.87 -50.77 1.18
C THR E 75 4.60 -51.48 1.60
N ILE E 76 4.71 -52.78 1.84
CA ILE E 76 3.64 -53.56 2.45
C ILE E 76 4.27 -54.46 3.50
N SER E 77 4.18 -54.05 4.76
CA SER E 77 4.74 -54.83 5.86
C SER E 77 3.81 -55.92 6.36
N SER E 78 2.62 -56.04 5.76
CA SER E 78 1.69 -57.13 6.05
C SER E 78 1.26 -57.72 4.71
N LEU E 79 1.86 -58.85 4.35
CA LEU E 79 1.61 -59.48 3.05
C LEU E 79 0.39 -60.39 3.17
N GLN E 80 -0.67 -60.06 2.42
CA GLN E 80 -1.90 -60.82 2.44
C GLN E 80 -2.12 -61.50 1.09
N PRO E 81 -2.84 -62.63 1.07
CA PRO E 81 -2.94 -63.41 -0.18
C PRO E 81 -3.47 -62.62 -1.36
N GLU E 82 -4.43 -61.73 -1.14
CA GLU E 82 -5.01 -60.99 -2.25
C GLU E 82 -3.99 -60.10 -2.93
N ASP E 83 -2.91 -59.73 -2.24
CA ASP E 83 -1.97 -58.75 -2.77
C ASP E 83 -0.96 -59.40 -3.73
N PHE E 84 -1.44 -60.15 -4.72
CA PHE E 84 -0.60 -60.79 -5.71
C PHE E 84 -1.02 -60.29 -7.09
N ALA E 85 -0.17 -59.46 -7.69
CA ALA E 85 -0.46 -58.85 -8.98
C ALA E 85 0.77 -58.08 -9.42
N THR E 86 0.68 -57.45 -10.59
CA THR E 86 1.78 -56.67 -11.16
C THR E 86 1.52 -55.20 -10.85
N TYR E 87 2.24 -54.67 -9.87
CA TYR E 87 2.11 -53.26 -9.51
C TYR E 87 2.97 -52.40 -10.43
N TYR E 88 2.38 -51.35 -10.98
CA TYR E 88 3.04 -50.51 -11.97
C TYR E 88 3.27 -49.13 -11.39
N CYS E 89 4.53 -48.83 -11.08
CA CYS E 89 4.91 -47.47 -10.69
C CYS E 89 4.62 -46.51 -11.84
N GLN E 90 4.15 -45.31 -11.49
CA GLN E 90 3.74 -44.33 -12.49
C GLN E 90 4.27 -42.97 -12.11
N GLN E 91 4.35 -42.08 -13.10
CA GLN E 91 4.62 -40.66 -12.87
C GLN E 91 3.68 -39.86 -13.75
N SER E 92 3.18 -38.75 -13.21
CA SER E 92 2.30 -37.86 -13.95
C SER E 92 2.83 -36.44 -14.09
N TYR E 93 4.00 -36.14 -13.51
CA TYR E 93 4.49 -34.77 -13.52
C TYR E 93 4.79 -34.29 -14.93
N TYR E 94 5.37 -35.16 -15.77
CA TYR E 94 5.70 -34.83 -17.15
C TYR E 94 4.88 -35.70 -18.08
N TYR E 95 4.27 -35.08 -19.09
CA TYR E 95 3.69 -35.83 -20.19
C TYR E 95 4.80 -36.30 -21.13
N PRO E 96 4.70 -37.52 -21.69
CA PRO E 96 3.62 -38.52 -21.55
C PRO E 96 3.66 -39.20 -20.19
N ILE E 97 2.56 -39.86 -19.81
CA ILE E 97 2.53 -40.62 -18.57
C ILE E 97 3.28 -41.93 -18.79
N THR E 98 4.30 -42.16 -17.99
CA THR E 98 5.18 -43.31 -18.15
C THR E 98 5.00 -44.27 -16.98
N PHE E 99 4.77 -45.54 -17.30
CA PHE E 99 4.60 -46.58 -16.30
C PHE E 99 5.91 -47.34 -16.10
N GLY E 100 6.05 -47.93 -14.92
CA GLY E 100 7.21 -48.76 -14.65
C GLY E 100 7.20 -50.01 -15.48
N GLN E 101 7.97 -51.01 -15.08
CA GLN E 101 8.02 -52.29 -15.76
C GLN E 101 7.19 -53.36 -15.07
N GLY E 102 6.60 -53.06 -13.92
CA GLY E 102 5.79 -54.03 -13.22
C GLY E 102 6.63 -55.00 -12.42
N THR E 103 6.26 -55.23 -11.16
CA THR E 103 7.00 -56.12 -10.27
C THR E 103 6.06 -57.25 -9.84
N LYS E 104 6.01 -58.30 -10.65
CA LYS E 104 5.16 -59.43 -10.31
C LYS E 104 5.63 -60.09 -9.02
N VAL E 105 4.68 -60.45 -8.16
CA VAL E 105 4.95 -61.04 -6.86
C VAL E 105 4.44 -62.48 -6.87
N GLU E 106 5.22 -63.37 -6.29
CA GLU E 106 4.84 -64.78 -6.18
C GLU E 106 5.56 -65.46 -5.02
N VAL F 5 -21.09 -43.71 -10.95
CA VAL F 5 -19.81 -43.50 -11.63
C VAL F 5 -19.23 -44.84 -12.09
N GLN F 6 -19.53 -45.21 -13.33
CA GLN F 6 -19.07 -46.46 -13.91
C GLN F 6 -18.67 -46.23 -15.35
N LEU F 7 -17.59 -46.88 -15.78
CA LEU F 7 -17.06 -46.75 -17.13
C LEU F 7 -17.05 -48.12 -17.81
N VAL F 8 -17.58 -48.18 -19.02
CA VAL F 8 -17.66 -49.42 -19.79
C VAL F 8 -17.15 -49.15 -21.20
N GLU F 9 -16.35 -50.08 -21.71
CA GLU F 9 -15.73 -49.95 -23.01
C GLU F 9 -16.51 -50.76 -24.05
N SER F 10 -16.66 -50.19 -25.24
CA SER F 10 -17.34 -50.86 -26.35
C SER F 10 -16.52 -50.67 -27.61
N GLY F 11 -16.19 -51.78 -28.27
CA GLY F 11 -15.37 -51.74 -29.46
C GLY F 11 -14.59 -53.03 -29.64
N GLY F 12 -13.30 -52.92 -29.95
CA GLY F 12 -12.47 -54.10 -30.09
C GLY F 12 -12.82 -54.91 -31.32
N GLY F 13 -12.21 -56.08 -31.39
CA GLY F 13 -12.45 -57.02 -32.47
C GLY F 13 -11.19 -57.29 -33.27
N LEU F 14 -11.38 -57.91 -34.42
CA LEU F 14 -10.29 -58.29 -35.32
C LEU F 14 -10.40 -57.46 -36.60
N VAL F 15 -9.32 -56.75 -36.94
CA VAL F 15 -9.24 -56.00 -38.20
C VAL F 15 -7.80 -56.07 -38.69
N GLN F 16 -7.62 -56.36 -39.97
CA GLN F 16 -6.30 -56.56 -40.52
C GLN F 16 -5.50 -55.26 -40.50
N PRO F 17 -4.17 -55.34 -40.46
CA PRO F 17 -3.36 -54.13 -40.38
C PRO F 17 -3.61 -53.20 -41.57
N GLY F 18 -3.55 -51.90 -41.30
CA GLY F 18 -3.68 -50.88 -42.32
C GLY F 18 -5.03 -50.20 -42.36
N GLY F 19 -6.04 -50.74 -41.68
CA GLY F 19 -7.38 -50.20 -41.70
C GLY F 19 -7.65 -49.25 -40.54
N SER F 20 -8.93 -48.93 -40.38
CA SER F 20 -9.39 -48.04 -39.33
C SER F 20 -10.17 -48.83 -38.28
N LEU F 21 -10.47 -48.15 -37.17
CA LEU F 21 -11.24 -48.72 -36.08
C LEU F 21 -11.54 -47.62 -35.08
N ARG F 22 -12.62 -47.81 -34.32
CA ARG F 22 -13.06 -46.83 -33.34
C ARG F 22 -13.33 -47.52 -32.01
N LEU F 23 -13.13 -46.77 -30.93
CA LEU F 23 -13.41 -47.25 -29.58
C LEU F 23 -14.20 -46.19 -28.84
N SER F 24 -15.04 -46.66 -27.90
CA SER F 24 -15.86 -45.78 -27.10
C SER F 24 -15.76 -46.16 -25.62
N CYS F 25 -15.73 -45.13 -24.77
CA CYS F 25 -15.73 -45.29 -23.32
C CYS F 25 -16.99 -44.59 -22.81
N ALA F 26 -17.96 -45.36 -22.34
CA ALA F 26 -19.20 -44.80 -21.83
C ALA F 26 -19.13 -44.61 -20.33
N ALA F 27 -19.53 -43.42 -19.87
CA ALA F 27 -19.46 -43.04 -18.46
C ALA F 27 -20.85 -42.76 -17.93
N SER F 28 -21.12 -43.24 -16.72
CA SER F 28 -22.41 -43.07 -16.06
C SER F 28 -22.17 -42.50 -14.68
N GLY F 29 -22.54 -41.23 -14.47
CA GLY F 29 -22.34 -40.59 -13.20
C GLY F 29 -21.88 -39.14 -13.34
N PHE F 30 -20.72 -38.85 -12.75
CA PHE F 30 -20.12 -37.53 -12.83
C PHE F 30 -20.22 -36.96 -14.24
N ASN F 31 -20.54 -35.67 -14.33
CA ASN F 31 -20.48 -35.00 -15.61
C ASN F 31 -19.04 -34.98 -16.12
N ILE F 32 -18.90 -35.10 -17.45
CA ILE F 32 -17.61 -35.41 -18.06
C ILE F 32 -16.74 -34.17 -18.22
N SER F 33 -17.18 -33.02 -17.74
CA SER F 33 -16.48 -31.76 -17.94
C SER F 33 -15.67 -31.32 -16.74
N SER F 34 -15.49 -32.19 -15.73
CA SER F 34 -14.71 -31.86 -14.55
C SER F 34 -13.62 -32.89 -14.28
N SER F 35 -13.29 -33.71 -15.27
CA SER F 35 -12.25 -34.72 -15.13
C SER F 35 -11.68 -35.03 -16.51
N SER F 36 -10.50 -35.63 -16.53
CA SER F 36 -9.81 -35.94 -17.77
C SER F 36 -9.90 -37.43 -18.05
N ILE F 37 -10.05 -37.76 -19.34
CA ILE F 37 -10.23 -39.13 -19.78
C ILE F 37 -8.96 -39.59 -20.47
N HIS F 38 -8.44 -40.75 -20.07
CA HIS F 38 -7.20 -41.28 -20.59
C HIS F 38 -7.43 -42.70 -21.12
N TRP F 39 -6.57 -43.10 -22.05
CA TRP F 39 -6.56 -44.46 -22.57
C TRP F 39 -5.22 -45.11 -22.26
N VAL F 40 -5.26 -46.38 -21.87
CA VAL F 40 -4.06 -47.14 -21.54
C VAL F 40 -4.18 -48.50 -22.20
N ARG F 41 -3.19 -48.86 -23.02
CA ARG F 41 -3.16 -50.14 -23.71
C ARG F 41 -2.14 -51.05 -23.06
N GLN F 42 -2.55 -52.28 -22.76
CA GLN F 42 -1.64 -53.32 -22.30
C GLN F 42 -1.51 -54.36 -23.40
N ALA F 43 -0.31 -54.48 -23.96
CA ALA F 43 -0.08 -55.42 -25.05
C ALA F 43 -0.02 -56.85 -24.51
N PRO F 44 -0.20 -57.84 -25.38
CA PRO F 44 -0.16 -59.24 -24.93
C PRO F 44 1.16 -59.55 -24.24
N GLY F 45 1.07 -60.01 -23.00
CA GLY F 45 2.27 -60.34 -22.24
C GLY F 45 3.22 -59.16 -22.09
N LYS F 46 2.69 -57.97 -21.85
CA LYS F 46 3.50 -56.77 -21.76
C LYS F 46 2.93 -55.90 -20.64
N GLY F 47 3.57 -54.74 -20.43
CA GLY F 47 3.13 -53.81 -19.41
C GLY F 47 2.20 -52.74 -19.95
N LEU F 48 1.71 -51.92 -19.03
CA LEU F 48 0.82 -50.84 -19.39
C LEU F 48 1.58 -49.75 -20.14
N GLU F 49 0.86 -48.97 -20.92
CA GLU F 49 1.48 -47.93 -21.73
C GLU F 49 0.45 -46.86 -22.07
N TRP F 50 0.79 -45.62 -21.75
CA TRP F 50 -0.10 -44.50 -22.03
C TRP F 50 -0.34 -44.36 -23.52
N VAL F 51 -1.53 -43.88 -23.88
CA VAL F 51 -1.90 -43.76 -25.29
C VAL F 51 -2.34 -42.34 -25.61
N ALA F 52 -3.33 -41.82 -24.89
CA ALA F 52 -3.85 -40.50 -25.17
C ALA F 52 -4.72 -40.04 -24.00
N SER F 53 -5.03 -38.74 -24.00
CA SER F 53 -5.83 -38.14 -22.94
C SER F 53 -6.55 -36.92 -23.48
N ILE F 54 -7.58 -36.48 -22.77
CA ILE F 54 -8.42 -35.38 -23.23
C ILE F 54 -9.09 -34.73 -22.03
N SER F 55 -9.26 -33.41 -22.11
CA SER F 55 -10.12 -32.66 -21.19
C SER F 55 -11.33 -32.16 -21.98
N PRO F 56 -12.52 -32.75 -21.80
CA PRO F 56 -13.64 -32.38 -22.68
C PRO F 56 -14.07 -30.94 -22.58
N SER F 57 -13.73 -30.25 -21.49
CA SER F 57 -14.22 -28.88 -21.31
C SER F 57 -13.80 -27.98 -22.46
N TYR F 58 -12.52 -28.03 -22.84
CA TYR F 58 -12.01 -27.20 -23.92
C TYR F 58 -11.31 -28.00 -25.02
N GLY F 59 -10.90 -29.24 -24.74
CA GLY F 59 -10.29 -30.07 -25.77
C GLY F 59 -8.78 -29.98 -25.82
N TYR F 60 -8.13 -30.19 -24.67
CA TYR F 60 -6.67 -30.20 -24.60
C TYR F 60 -6.19 -31.65 -24.72
N THR F 61 -6.01 -32.10 -25.95
CA THR F 61 -5.59 -33.47 -26.21
C THR F 61 -4.11 -33.65 -25.89
N SER F 62 -3.69 -34.91 -25.85
CA SER F 62 -2.29 -35.24 -25.66
C SER F 62 -2.10 -36.73 -25.98
N TYR F 63 -1.02 -37.04 -26.69
CA TYR F 63 -0.78 -38.39 -27.16
C TYR F 63 0.64 -38.82 -26.82
N ALA F 64 0.85 -40.13 -26.75
CA ALA F 64 2.19 -40.67 -26.60
C ALA F 64 2.97 -40.48 -27.90
N ASP F 65 4.30 -40.44 -27.76
CA ASP F 65 5.15 -40.18 -28.92
C ASP F 65 5.09 -41.30 -29.95
N SER F 66 4.58 -42.47 -29.57
CA SER F 66 4.50 -43.58 -30.53
C SER F 66 3.34 -43.41 -31.50
N VAL F 67 2.22 -42.83 -31.05
CA VAL F 67 1.02 -42.70 -31.86
C VAL F 67 0.81 -41.29 -32.37
N LYS F 68 1.65 -40.33 -31.97
CA LYS F 68 1.46 -38.96 -32.37
C LYS F 68 1.50 -38.86 -33.90
N GLY F 69 0.35 -38.54 -34.50
CA GLY F 69 0.27 -38.36 -35.95
C GLY F 69 -0.63 -39.35 -36.67
N ARG F 70 -1.28 -40.29 -35.97
CA ARG F 70 -2.19 -41.22 -36.62
C ARG F 70 -3.44 -41.51 -35.80
N PHE F 71 -3.61 -40.89 -34.63
CA PHE F 71 -4.74 -41.14 -33.76
C PHE F 71 -5.53 -39.84 -33.55
N THR F 72 -6.75 -39.99 -33.07
CA THR F 72 -7.58 -38.86 -32.68
C THR F 72 -8.38 -39.25 -31.46
N ILE F 73 -8.68 -38.24 -30.63
CA ILE F 73 -9.47 -38.43 -29.42
C ILE F 73 -10.48 -37.29 -29.33
N SER F 74 -11.72 -37.63 -29.02
CA SER F 74 -12.78 -36.64 -28.91
C SER F 74 -13.79 -37.09 -27.86
N ALA F 75 -14.19 -36.15 -27.00
CA ALA F 75 -15.11 -36.41 -25.91
C ALA F 75 -16.47 -35.82 -26.24
N ASP F 76 -17.52 -36.62 -26.05
CA ASP F 76 -18.89 -36.15 -26.25
C ASP F 76 -19.45 -35.72 -24.90
N THR F 77 -19.60 -34.40 -24.72
CA THR F 77 -20.10 -33.86 -23.46
C THR F 77 -21.60 -34.08 -23.28
N SER F 78 -22.37 -34.01 -24.37
CA SER F 78 -23.82 -34.15 -24.25
C SER F 78 -24.19 -35.51 -23.70
N LYS F 79 -23.57 -36.58 -24.19
CA LYS F 79 -23.83 -37.93 -23.72
C LYS F 79 -22.86 -38.38 -22.63
N ASN F 80 -21.83 -37.58 -22.34
CA ASN F 80 -20.85 -37.89 -21.29
C ASN F 80 -20.15 -39.21 -21.58
N THR F 81 -19.40 -39.23 -22.68
CA THR F 81 -18.61 -40.38 -23.07
C THR F 81 -17.40 -39.88 -23.85
N ALA F 82 -16.52 -40.83 -24.22
CA ALA F 82 -15.33 -40.53 -24.99
C ALA F 82 -15.25 -41.46 -26.17
N TYR F 83 -14.68 -40.96 -27.27
CA TYR F 83 -14.52 -41.73 -28.50
C TYR F 83 -13.10 -41.58 -28.99
N LEU F 84 -12.44 -42.72 -29.22
CA LEU F 84 -11.09 -42.77 -29.78
C LEU F 84 -11.17 -43.32 -31.19
N GLN F 85 -10.53 -42.63 -32.12
CA GLN F 85 -10.51 -43.00 -33.53
C GLN F 85 -9.10 -43.45 -33.92
N MET F 86 -9.01 -44.63 -34.52
CA MET F 86 -7.73 -45.22 -34.88
C MET F 86 -7.58 -45.22 -36.40
N ASN F 87 -6.34 -45.01 -36.84
CA ASN F 87 -5.97 -45.16 -38.25
C ASN F 87 -4.67 -45.95 -38.36
N SER F 88 -4.60 -46.83 -39.35
CA SER F 88 -3.35 -47.52 -39.70
C SER F 88 -2.79 -48.29 -38.50
N LEU F 89 -3.53 -49.34 -38.14
CA LEU F 89 -3.10 -50.21 -37.05
C LEU F 89 -1.79 -50.90 -37.39
N ARG F 90 -1.24 -51.67 -36.45
CA ARG F 90 0.08 -52.26 -36.58
C ARG F 90 0.05 -53.68 -36.04
N ALA F 91 1.09 -54.45 -36.38
CA ALA F 91 1.13 -55.85 -35.97
C ALA F 91 1.12 -55.99 -34.46
N GLU F 92 1.89 -55.15 -33.76
CA GLU F 92 1.91 -55.17 -32.30
C GLU F 92 0.85 -54.26 -31.69
N ASP F 93 0.14 -53.48 -32.50
CA ASP F 93 -0.90 -52.60 -31.97
C ASP F 93 -1.97 -53.40 -31.23
N THR F 94 -2.09 -54.68 -31.51
CA THR F 94 -2.94 -55.56 -30.72
C THR F 94 -2.64 -55.37 -29.23
N ALA F 95 -3.69 -55.18 -28.45
CA ALA F 95 -3.55 -54.96 -27.02
C ALA F 95 -4.94 -54.87 -26.40
N VAL F 96 -4.98 -54.93 -25.08
CA VAL F 96 -6.20 -54.70 -24.31
C VAL F 96 -6.21 -53.24 -23.90
N TYR F 97 -7.23 -52.51 -24.31
CA TYR F 97 -7.31 -51.07 -24.05
C TYR F 97 -8.28 -50.80 -22.91
N TYR F 98 -7.83 -50.01 -21.95
CA TYR F 98 -8.67 -49.53 -20.86
C TYR F 98 -8.85 -48.03 -20.97
N CYS F 99 -10.05 -47.56 -20.63
CA CYS F 99 -10.31 -46.13 -20.47
C CYS F 99 -10.40 -45.81 -19.00
N ALA F 100 -9.61 -44.83 -18.56
CA ALA F 100 -9.49 -44.47 -17.16
C ALA F 100 -9.80 -42.98 -16.98
N ARG F 101 -10.19 -42.63 -15.76
CA ARG F 101 -10.53 -41.26 -15.40
C ARG F 101 -9.54 -40.76 -14.35
N VAL F 102 -9.01 -39.57 -14.58
CA VAL F 102 -8.25 -38.84 -13.57
C VAL F 102 -9.17 -37.77 -13.00
N SER F 103 -9.38 -37.80 -11.69
CA SER F 103 -10.45 -37.05 -11.07
C SER F 103 -9.99 -35.65 -10.69
N TYR F 104 -10.91 -34.89 -10.09
CA TYR F 104 -10.64 -33.54 -9.63
C TYR F 104 -11.67 -33.21 -8.57
N TRP F 105 -11.30 -32.32 -7.66
CA TRP F 105 -12.19 -31.94 -6.56
C TRP F 105 -11.88 -30.52 -6.14
N ASP F 106 -12.89 -29.64 -6.25
CA ASP F 106 -12.68 -28.24 -5.92
C ASP F 106 -12.60 -28.01 -4.43
N TRP F 107 -13.16 -28.90 -3.61
CA TRP F 107 -13.12 -28.71 -2.17
C TRP F 107 -11.71 -28.84 -1.61
N THR F 108 -10.76 -29.32 -2.40
CA THR F 108 -9.33 -29.26 -2.08
C THR F 108 -8.67 -28.56 -3.26
N TRP F 109 -8.66 -27.23 -3.24
CA TRP F 109 -8.02 -26.45 -4.29
C TRP F 109 -6.71 -25.83 -3.83
N GLY F 110 -6.74 -25.05 -2.75
CA GLY F 110 -5.53 -24.40 -2.28
C GLY F 110 -4.48 -25.41 -1.83
N TRP F 111 -4.90 -26.45 -1.14
CA TRP F 111 -4.01 -27.47 -0.58
C TRP F 111 -4.46 -28.80 -1.17
N SER F 112 -3.96 -29.12 -2.35
CA SER F 112 -4.39 -30.28 -3.09
C SER F 112 -3.23 -31.24 -3.28
N LYS F 113 -3.55 -32.49 -3.61
CA LYS F 113 -2.58 -33.53 -3.90
C LYS F 113 -2.59 -33.81 -5.40
N TYR F 114 -1.75 -34.76 -5.80
CA TYR F 114 -1.62 -35.14 -7.21
C TYR F 114 -2.50 -36.36 -7.45
N GLU F 115 -3.73 -36.11 -7.90
CA GLU F 115 -4.66 -37.20 -8.17
C GLU F 115 -4.18 -38.02 -9.36
N GLY F 116 -4.55 -39.30 -9.35
CA GLY F 116 -4.17 -40.20 -10.43
C GLY F 116 -5.37 -40.82 -11.12
N MET F 117 -5.24 -42.07 -11.55
CA MET F 117 -6.32 -42.80 -12.20
C MET F 117 -6.98 -43.69 -11.16
N ASP F 118 -8.26 -43.45 -10.90
CA ASP F 118 -9.02 -44.18 -9.90
C ASP F 118 -10.12 -45.06 -10.48
N TYR F 119 -10.83 -44.59 -11.51
CA TYR F 119 -11.90 -45.36 -12.14
C TYR F 119 -11.38 -45.93 -13.45
N TRP F 120 -11.25 -47.26 -13.50
CA TRP F 120 -10.82 -47.98 -14.68
C TRP F 120 -11.98 -48.82 -15.20
N GLY F 121 -12.19 -48.78 -16.52
CA GLY F 121 -13.14 -49.67 -17.14
C GLY F 121 -12.57 -51.07 -17.21
N GLN F 122 -13.30 -51.93 -17.92
CA GLN F 122 -12.86 -53.31 -18.10
C GLN F 122 -12.06 -53.49 -19.37
N GLY F 123 -12.41 -52.77 -20.43
CA GLY F 123 -11.55 -52.64 -21.58
C GLY F 123 -11.96 -53.54 -22.74
N THR F 124 -11.65 -53.09 -23.94
CA THR F 124 -11.94 -53.82 -25.17
C THR F 124 -10.64 -54.28 -25.80
N LEU F 125 -10.68 -55.44 -26.43
CA LEU F 125 -9.50 -56.04 -27.04
C LEU F 125 -9.50 -55.76 -28.54
N VAL F 126 -8.41 -55.18 -29.03
CA VAL F 126 -8.21 -54.91 -30.45
C VAL F 126 -7.10 -55.84 -30.94
N THR F 127 -7.32 -56.44 -32.10
CA THR F 127 -6.37 -57.38 -32.68
C THR F 127 -6.08 -56.99 -34.13
N VAL F 128 -4.83 -57.15 -34.53
CA VAL F 128 -4.37 -56.80 -35.88
C VAL F 128 -3.77 -58.08 -36.47
N SER F 129 -4.58 -58.82 -37.22
CA SER F 129 -4.11 -60.04 -37.87
C SER F 129 -2.89 -59.76 -38.74
#